data_6HEF
#
_entry.id   6HEF
#
_cell.length_a   165.840
_cell.length_b   77.770
_cell.length_c   152.220
_cell.angle_alpha   90.000
_cell.angle_beta   109.280
_cell.angle_gamma   90.000
#
_symmetry.space_group_name_H-M   'C 1 2 1'
#
loop_
_entity.id
_entity.type
_entity.pdbx_description
1 polymer 'Sarcoplasmic/endoplasmic reticulum calcium ATPase 1'
2 non-polymer 'PHOSPHOMETHYLPHOSPHONIC ACID ADENYLATE ESTER'
3 non-polymer 'CALCIUM ION'
4 non-polymer 'POTASSIUM ION'
5 non-polymer 1,2-DIOLEOYL-SN-GLYCERO-3-PHOSPHOCHOLINE
#
_entity_poly.entity_id   1
_entity_poly.type   'polypeptide(L)'
_entity_poly.pdbx_seq_one_letter_code
;MEAAHSKSTEECLAYFGVSETTGLTPDQVKRHLEKYGHNELPAEEGKSLWELVIEQFEDLLVRILLLAACISFVLAWFEE
GEETITAFVEPFVILLILIANAIVGVWQERNAENAIEALKEYEPEMGKVYRADRKSVQRIKARDIVPGDIVEVAVGDKVP
ADIRILSIKSTTLRVDQSILTGESVSVIKHTEPVPDPRAVNQDKKNMLFSGTNIAAGKALGIVATTGVSTEIGKIRDQMA
ATEQDKTPLQQKLDEFGEQLSKVISLICVAVWLINIGHFNDPVHGGSWIRGAIYYFKIAVALAVAAIPEGLPAVITTCLA
LGTRRMAKKNAIVRSLPSVETLGCTSVICSDKTGTLTTNQMSVCKMFIIDKVDGDFCSLNEFSITGSTYAPEGEVLKNDK
PIRSGQFDGLVELATICALCNDSSLDFNETKGVYEKVGEATETALTTLVEKMNVFNTEVRNLSKVERANACNSVIRQLMK
KEFTLEFSRDRKSMSVYCSPAKSSRAAVGNKMFVKGAPEGVIDRCNYVRVGTTRVPMTGPVKEKILSVIKEWGTGRDTLR
CLALATRDTPPKREEMVLDDSSRFMEYETDLTFVGVVGMLDPPRKEVMGSIQLCRDAGIRVIMITGDNKGTAIAICRRIG
IFGENEEVADRAYTGREFDDLPLAEQREACRRACCFARVEPSHKSKIVEYLQSYDEITAMTGDGVNDAPALKKAEIGIAM
GSGTAVAKTASEMVLADDNFSTIVAAVEEGRAIYNNMKQFIRYLISSNVGEVVCIFLTAALGLPEALIPVQLLWVNLVTD
GLPATALGFNPPDLDIMDRPPRSPKEPLISGWLFFRYMAIGGYVGAATVGAAAWWFMYAEDGPGVTYHQLTHFMQCTEDH
PHFEGLDCEIFEAPEPMTMALSVLVTIEMCNALNSLSENQSLMRMPPWVNIWLLGSICLSMSLHFLILYVDPLPMIFKLK
ALDLTQWLMVLKISLPVIGLDEILKFIARNYLEG
;
_entity_poly.pdbx_strand_id   A
#
loop_
_chem_comp.id
_chem_comp.type
_chem_comp.name
_chem_comp.formula
ACP non-polymer 'PHOSPHOMETHYLPHOSPHONIC ACID ADENYLATE ESTER' 'C11 H18 N5 O12 P3'
CA non-polymer 'CALCIUM ION' 'Ca 2'
K non-polymer 'POTASSIUM ION' 'K 1'
PCW non-polymer 1,2-DIOLEOYL-SN-GLYCERO-3-PHOSPHOCHOLINE 'C44 H85 N O8 P 1'
#
# COMPACT_ATOMS: atom_id res chain seq x y z
N MET A 1 -6.99 30.01 -22.54
CA MET A 1 -7.01 28.97 -23.56
C MET A 1 -6.47 29.47 -24.88
N GLU A 2 -5.55 28.71 -25.46
CA GLU A 2 -5.19 28.85 -26.87
C GLU A 2 -5.86 27.73 -27.63
N ALA A 3 -6.76 28.10 -28.55
CA ALA A 3 -7.68 27.13 -29.13
C ALA A 3 -6.97 26.06 -29.94
N ALA A 4 -5.73 26.29 -30.36
CA ALA A 4 -5.04 25.39 -31.27
C ALA A 4 -3.71 24.93 -30.69
N HIS A 5 -3.25 23.79 -31.20
CA HIS A 5 -1.92 23.26 -30.91
C HIS A 5 -0.96 23.44 -32.08
N SER A 6 -1.49 23.77 -33.26
CA SER A 6 -0.76 23.78 -34.52
C SER A 6 0.05 25.04 -34.74
N LYS A 7 0.12 25.93 -33.76
CA LYS A 7 0.83 27.19 -33.94
C LYS A 7 2.33 26.98 -33.71
N SER A 8 3.12 27.89 -34.30
CA SER A 8 4.57 27.82 -34.14
C SER A 8 4.98 28.25 -32.74
N THR A 9 6.29 28.21 -32.47
CA THR A 9 6.78 28.63 -31.16
C THR A 9 6.65 30.12 -30.95
N GLU A 10 6.76 30.92 -32.02
CA GLU A 10 6.64 32.36 -31.89
C GLU A 10 5.19 32.77 -31.63
N GLU A 11 4.24 32.15 -32.33
CA GLU A 11 2.84 32.55 -32.21
C GLU A 11 2.30 32.27 -30.81
N CYS A 12 2.65 31.12 -30.23
CA CYS A 12 2.19 30.81 -28.88
C CYS A 12 2.74 31.81 -27.87
N LEU A 13 4.00 32.23 -28.05
CA LEU A 13 4.56 33.27 -27.21
C LEU A 13 3.89 34.61 -27.46
N ALA A 14 3.41 34.85 -28.68
CA ALA A 14 2.79 36.13 -29.01
C ALA A 14 1.29 36.14 -28.72
N TYR A 15 0.63 34.97 -28.75
CA TYR A 15 -0.79 34.94 -28.47
C TYR A 15 -1.09 35.41 -27.05
N PHE A 16 -0.24 35.06 -26.10
CA PHE A 16 -0.42 35.45 -24.71
C PHE A 16 0.35 36.71 -24.35
N GLY A 17 1.29 37.14 -25.18
CA GLY A 17 2.16 38.25 -24.83
C GLY A 17 3.04 37.89 -23.66
N VAL A 18 4.04 37.04 -23.89
CA VAL A 18 4.90 36.54 -22.83
C VAL A 18 6.31 36.35 -23.40
N SER A 19 7.30 36.45 -22.52
CA SER A 19 8.70 36.35 -22.89
C SER A 19 9.21 34.95 -22.59
N GLU A 20 9.99 34.38 -23.51
CA GLU A 20 10.49 33.03 -23.34
C GLU A 20 11.41 32.91 -22.13
N THR A 21 12.08 34.00 -21.75
CA THR A 21 13.03 33.98 -20.65
C THR A 21 12.52 34.63 -19.38
N THR A 22 11.39 35.34 -19.43
CA THR A 22 10.87 36.05 -18.27
C THR A 22 9.63 35.39 -17.68
N GLY A 23 8.66 35.05 -18.52
CA GLY A 23 7.41 34.52 -18.03
C GLY A 23 6.37 35.61 -17.82
N LEU A 24 5.20 35.18 -17.35
CA LEU A 24 4.11 36.12 -17.13
C LEU A 24 4.47 37.09 -16.02
N THR A 25 3.94 38.30 -16.13
CA THR A 25 4.05 39.28 -15.07
C THR A 25 3.08 38.95 -13.95
N PRO A 26 3.36 39.39 -12.72
CA PRO A 26 2.38 39.19 -11.64
C PRO A 26 1.04 39.85 -11.92
N ASP A 27 1.00 40.83 -12.83
CA ASP A 27 -0.27 41.42 -13.25
C ASP A 27 -1.00 40.49 -14.22
N GLN A 28 -0.28 39.91 -15.18
CA GLN A 28 -0.88 38.97 -16.10
C GLN A 28 -1.41 37.73 -15.38
N VAL A 29 -0.70 37.27 -14.34
CA VAL A 29 -1.16 36.12 -13.59
C VAL A 29 -2.45 36.45 -12.84
N LYS A 30 -2.46 37.60 -12.16
CA LYS A 30 -3.66 38.01 -11.42
C LYS A 30 -4.86 38.17 -12.33
N ARG A 31 -4.64 38.60 -13.58
CA ARG A 31 -5.74 38.83 -14.51
C ARG A 31 -6.12 37.57 -15.29
N HIS A 32 -5.23 36.58 -15.38
CA HIS A 32 -5.60 35.28 -15.95
C HIS A 32 -6.39 34.43 -14.96
N LEU A 33 -6.04 34.50 -13.67
CA LEU A 33 -6.75 33.72 -12.67
C LEU A 33 -8.25 34.05 -12.66
N GLU A 34 -8.58 35.34 -12.65
CA GLU A 34 -9.98 35.75 -12.60
C GLU A 34 -10.69 35.59 -13.96
N LYS A 35 -9.95 35.26 -15.01
CA LYS A 35 -10.53 34.99 -16.33
C LYS A 35 -10.60 33.50 -16.63
N TYR A 36 -9.49 32.78 -16.42
CA TYR A 36 -9.38 31.38 -16.78
C TYR A 36 -9.59 30.43 -15.61
N GLY A 37 -9.72 30.96 -14.40
CA GLY A 37 -9.86 30.12 -13.22
C GLY A 37 -8.54 29.43 -12.87
N HIS A 38 -8.60 28.66 -11.79
CA HIS A 38 -7.43 27.92 -11.35
C HIS A 38 -7.21 26.70 -12.25
N ASN A 39 -6.11 25.98 -11.98
CA ASN A 39 -5.81 24.73 -12.68
C ASN A 39 -6.37 23.56 -11.86
N GLU A 40 -7.69 23.46 -11.87
CA GLU A 40 -8.39 22.49 -11.05
C GLU A 40 -9.33 21.64 -11.89
N LEU A 41 -9.62 20.46 -11.35
CA LEU A 41 -10.68 19.58 -11.83
C LEU A 41 -11.48 19.21 -10.59
N PRO A 42 -12.81 19.24 -10.66
CA PRO A 42 -13.60 18.89 -9.47
C PRO A 42 -13.31 17.46 -9.03
N ALA A 43 -13.43 17.22 -7.73
CA ALA A 43 -13.35 15.85 -7.23
C ALA A 43 -14.26 14.97 -8.05
N GLU A 44 -13.68 13.93 -8.65
CA GLU A 44 -14.39 13.10 -9.62
C GLU A 44 -15.76 12.70 -9.09
N GLU A 45 -15.80 11.83 -8.09
CA GLU A 45 -16.99 11.63 -7.28
C GLU A 45 -16.56 11.26 -5.88
N GLY A 46 -17.55 11.13 -5.00
CA GLY A 46 -17.36 10.59 -3.67
C GLY A 46 -17.49 9.08 -3.58
N LYS A 47 -17.89 8.43 -4.69
CA LYS A 47 -18.02 6.99 -4.80
C LYS A 47 -19.09 6.41 -3.88
N SER A 48 -19.67 7.26 -3.03
CA SER A 48 -20.81 6.87 -2.19
C SER A 48 -22.06 7.49 -2.79
N LEU A 49 -22.67 6.76 -3.73
CA LEU A 49 -23.86 7.21 -4.43
C LEU A 49 -25.05 7.23 -3.49
N TRP A 50 -24.83 6.78 -2.25
CA TRP A 50 -25.86 6.50 -1.27
C TRP A 50 -26.75 5.36 -1.72
N GLU A 51 -26.39 4.70 -2.82
CA GLU A 51 -27.22 3.69 -3.47
C GLU A 51 -26.31 2.58 -3.98
N LEU A 52 -25.23 2.96 -4.67
CA LEU A 52 -24.31 1.97 -5.21
C LEU A 52 -23.60 1.19 -4.11
N VAL A 53 -23.24 1.87 -3.01
CA VAL A 53 -22.55 1.19 -1.92
C VAL A 53 -23.52 0.39 -1.06
N ILE A 54 -24.76 0.86 -0.90
CA ILE A 54 -25.74 0.10 -0.16
C ILE A 54 -26.07 -1.20 -0.86
N GLU A 55 -26.09 -1.19 -2.20
CA GLU A 55 -26.37 -2.40 -2.96
C GLU A 55 -25.19 -3.36 -2.92
N GLN A 56 -24.80 -3.81 -1.72
CA GLN A 56 -23.86 -4.91 -1.58
C GLN A 56 -24.55 -6.23 -1.27
N PHE A 57 -25.84 -6.34 -1.57
CA PHE A 57 -26.57 -7.60 -1.50
C PHE A 57 -26.26 -8.48 -2.71
N GLU A 58 -25.02 -8.46 -3.18
CA GLU A 58 -24.62 -9.03 -4.46
C GLU A 58 -23.89 -10.36 -4.34
N ASP A 59 -23.29 -10.65 -3.19
CA ASP A 59 -22.63 -11.94 -3.00
C ASP A 59 -23.67 -13.06 -3.03
N LEU A 60 -23.20 -14.27 -3.35
CA LEU A 60 -24.09 -15.42 -3.45
C LEU A 60 -24.80 -15.69 -2.12
N LEU A 61 -24.03 -15.72 -1.02
CA LEU A 61 -24.59 -16.11 0.27
C LEU A 61 -25.63 -15.12 0.78
N VAL A 62 -25.61 -13.87 0.29
CA VAL A 62 -26.61 -12.90 0.71
C VAL A 62 -27.90 -13.07 -0.09
N ARG A 63 -27.78 -13.23 -1.42
CA ARG A 63 -28.96 -13.40 -2.26
C ARG A 63 -29.57 -14.78 -2.13
N ILE A 64 -28.89 -15.73 -1.49
CA ILE A 64 -29.55 -16.97 -1.09
C ILE A 64 -30.59 -16.69 -0.01
N LEU A 65 -30.20 -15.96 1.04
CA LEU A 65 -31.15 -15.59 2.08
C LEU A 65 -32.24 -14.65 1.56
N LEU A 66 -31.98 -13.94 0.46
CA LEU A 66 -33.04 -13.17 -0.17
C LEU A 66 -34.09 -14.07 -0.80
N LEU A 67 -33.66 -15.21 -1.35
CA LEU A 67 -34.61 -16.22 -1.82
C LEU A 67 -35.48 -16.75 -0.69
N ALA A 68 -34.86 -17.06 0.45
CA ALA A 68 -35.60 -17.62 1.57
C ALA A 68 -36.67 -16.66 2.08
N ALA A 69 -36.36 -15.36 2.10
CA ALA A 69 -37.33 -14.37 2.52
C ALA A 69 -38.52 -14.29 1.55
N CYS A 70 -38.33 -14.70 0.31
CA CYS A 70 -39.43 -14.68 -0.65
C CYS A 70 -40.37 -15.86 -0.45
N ILE A 71 -39.83 -17.05 -0.23
CA ILE A 71 -40.67 -18.24 -0.09
C ILE A 71 -41.32 -18.30 1.27
N SER A 72 -40.66 -17.78 2.31
CA SER A 72 -41.31 -17.66 3.61
C SER A 72 -42.36 -16.56 3.63
N PHE A 73 -42.28 -15.63 2.68
CA PHE A 73 -43.32 -14.61 2.55
C PHE A 73 -44.52 -15.12 1.76
N VAL A 74 -44.27 -16.02 0.79
CA VAL A 74 -45.37 -16.64 0.06
C VAL A 74 -46.03 -17.73 0.91
N LEU A 75 -45.24 -18.49 1.67
CA LEU A 75 -45.83 -19.45 2.61
C LEU A 75 -46.56 -18.74 3.75
N ALA A 76 -46.30 -17.45 3.96
CA ALA A 76 -47.17 -16.66 4.81
C ALA A 76 -48.44 -16.24 4.10
N TRP A 77 -48.42 -16.22 2.76
CA TRP A 77 -49.63 -15.90 2.00
C TRP A 77 -50.62 -17.06 2.04
N PHE A 78 -50.18 -18.27 2.39
CA PHE A 78 -51.10 -19.36 2.66
C PHE A 78 -51.10 -19.61 4.16
N GLU A 79 -52.29 -19.59 4.75
CA GLU A 79 -52.45 -19.53 6.20
C GLU A 79 -52.86 -20.90 6.71
N GLU A 80 -52.06 -21.46 7.62
CA GLU A 80 -52.33 -22.76 8.23
C GLU A 80 -52.18 -22.64 9.74
N GLY A 81 -53.22 -23.03 10.46
CA GLY A 81 -53.14 -23.05 11.92
C GLY A 81 -52.87 -21.71 12.56
N GLU A 82 -53.38 -20.62 11.97
CA GLU A 82 -53.21 -19.26 12.51
C GLU A 82 -51.73 -18.92 12.70
N GLU A 83 -50.89 -19.35 11.76
CA GLU A 83 -49.48 -19.02 11.81
C GLU A 83 -49.16 -17.66 11.22
N THR A 84 -50.17 -16.88 10.83
CA THR A 84 -49.91 -15.58 10.19
C THR A 84 -49.00 -14.70 11.04
N ILE A 85 -49.23 -14.66 12.36
CA ILE A 85 -48.38 -13.90 13.25
C ILE A 85 -46.97 -14.48 13.28
N THR A 86 -46.84 -15.79 13.08
CA THR A 86 -45.53 -16.44 13.06
C THR A 86 -44.99 -16.62 11.65
N ALA A 87 -45.85 -16.67 10.63
CA ALA A 87 -45.38 -16.87 9.27
C ALA A 87 -44.78 -15.59 8.68
N PHE A 88 -45.41 -14.43 8.95
CA PHE A 88 -44.89 -13.18 8.41
C PHE A 88 -43.70 -12.63 9.17
N VAL A 89 -43.40 -13.14 10.36
CA VAL A 89 -42.15 -12.76 11.01
C VAL A 89 -40.99 -13.60 10.52
N GLU A 90 -41.27 -14.72 9.85
CA GLU A 90 -40.20 -15.53 9.28
C GLU A 90 -39.37 -14.78 8.26
N PRO A 91 -39.95 -14.09 7.26
CA PRO A 91 -39.08 -13.37 6.31
C PRO A 91 -38.41 -12.16 6.92
N PHE A 92 -39.01 -11.53 7.92
CA PHE A 92 -38.44 -10.31 8.49
C PHE A 92 -37.20 -10.62 9.32
N VAL A 93 -37.20 -11.75 10.02
CA VAL A 93 -36.01 -12.14 10.77
C VAL A 93 -34.86 -12.46 9.83
N ILE A 94 -35.16 -13.00 8.65
CA ILE A 94 -34.13 -13.22 7.65
C ILE A 94 -33.56 -11.90 7.15
N LEU A 95 -34.44 -10.96 6.81
CA LEU A 95 -33.99 -9.69 6.25
C LEU A 95 -33.26 -8.84 7.28
N LEU A 96 -33.57 -9.01 8.56
CA LEU A 96 -33.03 -8.12 9.58
C LEU A 96 -31.53 -8.30 9.73
N ILE A 97 -31.04 -9.55 9.65
CA ILE A 97 -29.60 -9.77 9.76
C ILE A 97 -28.90 -9.26 8.51
N LEU A 98 -29.54 -9.34 7.35
CA LEU A 98 -28.94 -8.78 6.13
C LEU A 98 -28.83 -7.27 6.22
N ILE A 99 -29.81 -6.62 6.85
CA ILE A 99 -29.74 -5.17 7.03
C ILE A 99 -28.74 -4.81 8.12
N ALA A 100 -28.65 -5.63 9.16
CA ALA A 100 -27.73 -5.33 10.27
C ALA A 100 -26.29 -5.26 9.79
N ASN A 101 -25.90 -6.15 8.88
CA ASN A 101 -24.53 -6.13 8.37
C ASN A 101 -24.35 -5.11 7.25
N ALA A 102 -25.38 -4.88 6.44
CA ALA A 102 -25.28 -3.87 5.40
C ALA A 102 -25.07 -2.49 5.97
N ILE A 103 -25.64 -2.21 7.15
CA ILE A 103 -25.38 -0.95 7.82
C ILE A 103 -23.90 -0.83 8.20
N VAL A 104 -23.32 -1.92 8.68
CA VAL A 104 -21.92 -1.88 9.11
C VAL A 104 -21.00 -1.77 7.91
N GLY A 105 -21.24 -2.56 6.87
CA GLY A 105 -20.35 -2.56 5.72
C GLY A 105 -20.32 -1.21 5.01
N VAL A 106 -21.50 -0.65 4.76
CA VAL A 106 -21.57 0.67 4.12
C VAL A 106 -20.97 1.74 5.02
N TRP A 107 -21.10 1.58 6.33
CA TRP A 107 -20.50 2.54 7.26
C TRP A 107 -18.99 2.57 7.11
N GLN A 108 -18.35 1.42 7.39
CA GLN A 108 -16.89 1.37 7.37
C GLN A 108 -16.30 1.67 6.00
N GLU A 109 -17.06 1.49 4.92
CA GLU A 109 -16.51 1.72 3.60
C GLU A 109 -16.57 3.20 3.23
N ARG A 110 -17.67 3.88 3.54
CA ARG A 110 -17.71 5.34 3.42
C ARG A 110 -16.73 5.98 4.40
N ASN A 111 -16.69 5.46 5.63
CA ASN A 111 -15.77 5.98 6.63
C ASN A 111 -14.32 5.83 6.20
N ALA A 112 -14.02 4.86 5.32
CA ALA A 112 -12.65 4.68 4.83
C ALA A 112 -12.36 5.60 3.64
N GLU A 113 -13.36 5.84 2.79
CA GLU A 113 -13.19 6.81 1.71
C GLU A 113 -13.08 8.24 2.23
N ASN A 114 -13.63 8.50 3.43
CA ASN A 114 -13.47 9.82 4.03
C ASN A 114 -12.01 10.07 4.42
N ALA A 115 -11.27 9.01 4.77
CA ALA A 115 -9.88 9.17 5.16
C ALA A 115 -8.94 9.24 3.96
N ILE A 116 -9.29 8.58 2.86
CA ILE A 116 -8.45 8.62 1.66
C ILE A 116 -8.49 9.99 1.02
N GLU A 117 -9.71 10.53 0.83
CA GLU A 117 -9.82 11.86 0.23
C GLU A 117 -9.21 12.93 1.11
N ALA A 118 -9.29 12.78 2.43
CA ALA A 118 -8.71 13.76 3.35
C ALA A 118 -7.19 13.73 3.31
N LEU A 119 -6.59 12.68 2.75
CA LEU A 119 -5.14 12.57 2.65
C LEU A 119 -4.62 13.06 1.30
N LYS A 120 -5.53 13.41 0.38
CA LYS A 120 -5.09 14.04 -0.87
C LYS A 120 -4.71 15.49 -0.64
N GLU A 121 -5.42 16.18 0.24
CA GLU A 121 -5.09 17.56 0.61
C GLU A 121 -3.80 17.67 1.43
N TYR A 122 -3.13 16.55 1.69
CA TYR A 122 -1.97 16.54 2.57
C TYR A 122 -0.84 17.40 2.01
N GLU A 123 -0.37 17.07 0.82
CA GLU A 123 0.76 17.76 0.19
C GLU A 123 0.34 18.16 -1.21
N PRO A 124 -0.03 19.42 -1.43
CA PRO A 124 -0.55 19.82 -2.74
C PRO A 124 0.53 19.80 -3.80
N GLU A 125 0.17 19.27 -4.98
CA GLU A 125 1.11 19.17 -6.09
C GLU A 125 1.54 20.57 -6.56
N MET A 126 2.82 20.71 -6.85
CA MET A 126 3.37 21.99 -7.28
C MET A 126 4.15 21.81 -8.58
N GLY A 127 4.32 22.92 -9.29
CA GLY A 127 5.02 22.93 -10.56
C GLY A 127 6.19 23.90 -10.58
N LYS A 128 6.87 23.91 -11.72
CA LYS A 128 8.06 24.73 -11.93
C LYS A 128 7.75 25.73 -13.05
N VAL A 129 7.72 27.01 -12.71
CA VAL A 129 7.35 28.06 -13.66
C VAL A 129 8.40 29.17 -13.61
N TYR A 130 8.45 29.94 -14.70
CA TYR A 130 9.22 31.17 -14.77
C TYR A 130 8.26 32.35 -14.75
N ARG A 131 8.45 33.26 -13.81
CA ARG A 131 7.63 34.46 -13.75
C ARG A 131 8.52 35.66 -13.47
N ALA A 132 7.99 36.85 -13.76
CA ALA A 132 8.80 38.06 -13.79
C ALA A 132 9.25 38.49 -12.41
N ASP A 133 8.49 38.19 -11.36
CA ASP A 133 8.83 38.66 -10.03
C ASP A 133 10.10 38.03 -9.47
N ARG A 134 10.58 36.94 -10.08
CA ARG A 134 11.83 36.33 -9.67
C ARG A 134 12.69 36.08 -10.90
N LYS A 135 14.01 36.10 -10.69
CA LYS A 135 14.94 36.01 -11.81
C LYS A 135 15.27 34.58 -12.19
N SER A 136 15.17 33.63 -11.25
CA SER A 136 15.38 32.22 -11.50
C SER A 136 14.03 31.49 -11.45
N VAL A 137 14.08 30.17 -11.65
CA VAL A 137 12.85 29.39 -11.68
C VAL A 137 12.22 29.35 -10.29
N GLN A 138 10.90 29.14 -10.26
CA GLN A 138 10.10 29.33 -9.07
C GLN A 138 9.14 28.16 -8.87
N ARG A 139 8.97 27.76 -7.61
CA ARG A 139 8.02 26.73 -7.22
C ARG A 139 6.68 27.37 -6.86
N ILE A 140 5.63 27.05 -7.61
CA ILE A 140 4.29 27.53 -7.30
C ILE A 140 3.34 26.35 -7.23
N LYS A 141 2.23 26.56 -6.53
CA LYS A 141 1.18 25.56 -6.48
C LYS A 141 0.62 25.31 -7.88
N ALA A 142 0.38 24.04 -8.20
CA ALA A 142 -0.04 23.68 -9.55
C ALA A 142 -1.41 24.24 -9.89
N ARG A 143 -2.29 24.41 -8.89
CA ARG A 143 -3.61 24.96 -9.18
C ARG A 143 -3.54 26.42 -9.59
N ASP A 144 -2.42 27.09 -9.32
CA ASP A 144 -2.26 28.50 -9.67
C ASP A 144 -1.69 28.71 -11.06
N ILE A 145 -1.30 27.65 -11.76
CA ILE A 145 -0.80 27.78 -13.11
C ILE A 145 -1.94 28.18 -14.05
N VAL A 146 -1.69 29.18 -14.87
CA VAL A 146 -2.68 29.69 -15.81
C VAL A 146 -2.10 29.58 -17.21
N PRO A 147 -2.93 29.63 -18.24
CA PRO A 147 -2.40 29.67 -19.61
C PRO A 147 -1.51 30.89 -19.81
N GLY A 148 -0.44 30.70 -20.58
CA GLY A 148 0.55 31.72 -20.78
C GLY A 148 1.78 31.58 -19.91
N ASP A 149 1.69 30.80 -18.83
CA ASP A 149 2.85 30.54 -17.99
C ASP A 149 3.92 29.79 -18.77
N ILE A 150 5.16 29.98 -18.35
CA ILE A 150 6.31 29.27 -18.91
C ILE A 150 6.69 28.20 -17.90
N VAL A 151 6.30 26.96 -18.18
CA VAL A 151 6.47 25.85 -17.24
C VAL A 151 7.67 25.01 -17.67
N GLU A 152 8.46 24.58 -16.69
CA GLU A 152 9.60 23.71 -16.87
C GLU A 152 9.31 22.35 -16.24
N VAL A 153 9.63 21.27 -16.95
CA VAL A 153 9.42 19.92 -16.46
C VAL A 153 10.65 19.07 -16.79
N ALA A 154 10.91 18.07 -15.94
CA ALA A 154 12.05 17.19 -16.11
C ALA A 154 11.62 15.77 -15.75
N VAL A 155 12.60 14.86 -15.64
CA VAL A 155 12.29 13.46 -15.38
C VAL A 155 11.58 13.32 -14.04
N GLY A 156 10.63 12.39 -13.99
CA GLY A 156 9.85 12.14 -12.81
C GLY A 156 8.70 13.10 -12.59
N ASP A 157 8.76 14.29 -13.16
CA ASP A 157 7.71 15.28 -12.94
C ASP A 157 6.42 14.82 -13.62
N LYS A 158 5.29 15.09 -12.96
CA LYS A 158 3.99 14.92 -13.59
C LYS A 158 3.59 16.25 -14.21
N VAL A 159 3.19 16.21 -15.48
CA VAL A 159 2.87 17.45 -16.20
C VAL A 159 1.65 18.10 -15.57
N PRO A 160 1.73 19.38 -15.18
CA PRO A 160 0.61 20.02 -14.47
C PRO A 160 -0.52 20.49 -15.35
N ALA A 161 -0.27 20.76 -16.63
CA ALA A 161 -1.31 21.23 -17.54
C ALA A 161 -0.84 20.97 -18.97
N ASP A 162 -1.78 21.11 -19.91
CA ASP A 162 -1.43 20.98 -21.32
C ASP A 162 -0.44 22.07 -21.70
N ILE A 163 0.67 21.66 -22.31
CA ILE A 163 1.83 22.54 -22.53
C ILE A 163 2.31 22.39 -23.96
N ARG A 164 2.54 23.51 -24.64
CA ARG A 164 3.21 23.54 -25.93
C ARG A 164 4.71 23.60 -25.71
N ILE A 165 5.43 22.61 -26.24
CA ILE A 165 6.85 22.49 -25.98
C ILE A 165 7.62 23.58 -26.71
N LEU A 166 8.30 24.45 -25.96
CA LEU A 166 9.06 25.56 -26.52
C LEU A 166 10.50 25.18 -26.82
N SER A 167 11.16 24.47 -25.90
CA SER A 167 12.56 24.12 -26.07
C SER A 167 12.87 22.88 -25.23
N ILE A 168 13.58 21.93 -25.82
CA ILE A 168 13.99 20.71 -25.15
C ILE A 168 15.46 20.81 -24.81
N LYS A 169 15.77 20.75 -23.51
CA LYS A 169 17.13 20.98 -23.03
C LYS A 169 17.96 19.70 -22.95
N SER A 170 17.41 18.57 -23.37
CA SER A 170 18.14 17.31 -23.40
C SER A 170 18.25 16.82 -24.84
N THR A 171 19.09 15.81 -25.05
CA THR A 171 19.25 15.24 -26.38
C THR A 171 17.98 14.54 -26.85
N THR A 172 17.07 14.20 -25.94
CA THR A 172 15.80 13.59 -26.31
C THR A 172 14.84 13.68 -25.13
N LEU A 173 13.57 13.95 -25.43
CA LEU A 173 12.51 14.02 -24.44
C LEU A 173 11.53 12.89 -24.69
N ARG A 174 11.27 12.08 -23.66
CA ARG A 174 10.43 10.90 -23.78
C ARG A 174 9.39 10.92 -22.66
N VAL A 175 8.11 10.76 -23.03
CA VAL A 175 7.00 10.99 -22.13
C VAL A 175 6.16 9.73 -22.03
N ASP A 176 5.64 9.46 -20.83
CA ASP A 176 4.73 8.36 -20.57
C ASP A 176 3.30 8.86 -20.77
N GLN A 177 2.66 8.43 -21.85
CA GLN A 177 1.28 8.80 -22.15
C GLN A 177 0.32 7.62 -22.03
N SER A 178 0.63 6.70 -21.12
CA SER A 178 -0.21 5.51 -20.98
C SER A 178 -1.60 5.88 -20.46
N ILE A 179 -1.67 6.88 -19.58
CA ILE A 179 -2.95 7.23 -18.97
C ILE A 179 -3.91 7.83 -19.98
N LEU A 180 -3.41 8.48 -21.03
CA LEU A 180 -4.26 9.24 -21.92
C LEU A 180 -4.47 8.57 -23.28
N THR A 181 -3.39 8.19 -23.96
CA THR A 181 -3.48 7.67 -25.32
C THR A 181 -3.47 6.14 -25.38
N GLY A 182 -3.21 5.47 -24.26
CA GLY A 182 -3.04 4.03 -24.26
C GLY A 182 -1.68 3.55 -24.71
N GLU A 183 -0.86 4.43 -25.27
CA GLU A 183 0.51 4.09 -25.65
C GLU A 183 1.30 3.60 -24.45
N SER A 184 1.39 2.28 -24.29
CA SER A 184 2.05 1.67 -23.15
C SER A 184 3.57 1.73 -23.22
N VAL A 185 4.12 2.63 -24.05
CA VAL A 185 5.56 2.81 -24.15
C VAL A 185 5.84 4.30 -24.26
N SER A 186 6.98 4.72 -23.71
CA SER A 186 7.38 6.11 -23.79
C SER A 186 7.57 6.53 -25.25
N VAL A 187 7.16 7.76 -25.56
CA VAL A 187 7.20 8.26 -26.92
C VAL A 187 8.02 9.54 -26.96
N ILE A 188 8.55 9.85 -28.15
CA ILE A 188 9.43 10.98 -28.36
C ILE A 188 8.59 12.22 -28.68
N LYS A 189 9.10 13.38 -28.28
CA LYS A 189 8.48 14.66 -28.59
C LYS A 189 9.45 15.52 -29.40
N HIS A 190 8.95 16.66 -29.88
CA HIS A 190 9.76 17.62 -30.61
C HIS A 190 9.05 18.97 -30.57
N THR A 191 9.71 19.99 -31.13
CA THR A 191 9.17 21.34 -31.18
C THR A 191 8.65 21.75 -32.55
N GLU A 192 8.88 20.94 -33.58
CA GLU A 192 8.39 21.28 -34.90
C GLU A 192 6.86 21.23 -34.92
N PRO A 193 6.22 22.13 -35.66
CA PRO A 193 4.75 22.18 -35.63
C PRO A 193 4.12 21.00 -36.35
N VAL A 194 2.87 20.74 -36.00
CA VAL A 194 2.00 19.80 -36.71
C VAL A 194 0.76 20.55 -37.15
N PRO A 195 0.36 20.46 -38.43
CA PRO A 195 -0.62 21.43 -38.97
C PRO A 195 -2.08 21.11 -38.65
N ASP A 196 -2.48 19.85 -38.71
CA ASP A 196 -3.89 19.48 -38.60
C ASP A 196 -4.46 19.88 -37.24
N PRO A 197 -5.46 20.76 -37.18
CA PRO A 197 -6.04 21.13 -35.88
C PRO A 197 -6.82 20.00 -35.22
N ARG A 198 -7.28 19.02 -35.98
CA ARG A 198 -8.05 17.92 -35.42
C ARG A 198 -7.23 16.67 -35.18
N ALA A 199 -5.95 16.66 -35.59
CA ALA A 199 -5.12 15.46 -35.46
C ALA A 199 -5.14 14.95 -34.03
N VAL A 200 -5.42 13.65 -33.88
CA VAL A 200 -5.63 13.07 -32.56
C VAL A 200 -4.35 13.18 -31.72
N ASN A 201 -4.53 12.97 -30.41
CA ASN A 201 -3.47 13.25 -29.44
C ASN A 201 -2.19 12.48 -29.73
N GLN A 202 -2.29 11.28 -30.30
CA GLN A 202 -1.09 10.53 -30.66
C GLN A 202 -0.26 11.28 -31.72
N ASP A 203 -0.92 12.08 -32.56
CA ASP A 203 -0.23 12.83 -33.59
C ASP A 203 0.32 14.16 -33.09
N LYS A 204 -0.16 14.64 -31.95
CA LYS A 204 0.27 15.92 -31.39
C LYS A 204 1.64 15.78 -30.73
N LYS A 205 2.62 15.27 -31.47
CA LYS A 205 3.93 14.98 -30.88
C LYS A 205 4.73 16.26 -30.66
N ASN A 206 4.09 17.26 -30.06
CA ASN A 206 4.80 18.47 -29.67
C ASN A 206 4.26 19.07 -28.38
N MET A 207 3.45 18.34 -27.61
CA MET A 207 2.85 18.89 -26.42
C MET A 207 2.95 17.89 -25.27
N LEU A 208 2.66 18.39 -24.07
CA LEU A 208 2.70 17.63 -22.83
C LEU A 208 1.34 17.73 -22.18
N PHE A 209 0.75 16.59 -21.82
CA PHE A 209 -0.61 16.56 -21.32
C PHE A 209 -0.63 16.41 -19.80
N SER A 210 -1.55 17.10 -19.15
CA SER A 210 -1.69 16.99 -17.70
C SER A 210 -2.05 15.56 -17.31
N GLY A 211 -1.47 15.10 -16.21
CA GLY A 211 -1.63 13.74 -15.77
C GLY A 211 -0.57 12.77 -16.28
N THR A 212 0.03 13.07 -17.44
CA THR A 212 1.10 12.25 -17.97
C THR A 212 2.40 12.54 -17.23
N ASN A 213 3.33 11.59 -17.32
CA ASN A 213 4.60 11.66 -16.61
C ASN A 213 5.76 11.72 -17.61
N ILE A 214 6.81 12.42 -17.22
CA ILE A 214 8.00 12.59 -18.06
C ILE A 214 8.94 11.42 -17.78
N ALA A 215 9.17 10.59 -18.80
CA ALA A 215 10.02 9.42 -18.62
C ALA A 215 11.50 9.79 -18.68
N ALA A 216 11.89 10.57 -19.69
CA ALA A 216 13.28 10.95 -19.86
C ALA A 216 13.36 12.34 -20.47
N GLY A 217 14.38 13.09 -20.07
CA GLY A 217 14.65 14.39 -20.67
C GLY A 217 14.31 15.55 -19.75
N LYS A 218 14.41 16.74 -20.34
CA LYS A 218 14.10 17.98 -19.63
C LYS A 218 13.79 19.05 -20.67
N ALA A 219 12.59 19.63 -20.58
CA ALA A 219 12.12 20.56 -21.60
C ALA A 219 11.44 21.76 -20.96
N LEU A 220 11.37 22.84 -21.73
CA LEU A 220 10.67 24.06 -21.36
C LEU A 220 9.45 24.22 -22.25
N GLY A 221 8.40 24.83 -21.70
CA GLY A 221 7.19 24.97 -22.49
C GLY A 221 6.31 26.09 -21.98
N ILE A 222 5.22 26.32 -22.71
CA ILE A 222 4.21 27.30 -22.37
C ILE A 222 2.86 26.59 -22.18
N VAL A 223 2.13 26.98 -21.14
CA VAL A 223 0.87 26.34 -20.84
C VAL A 223 -0.19 26.75 -21.85
N ALA A 224 -0.70 25.76 -22.60
CA ALA A 224 -1.78 26.02 -23.54
C ALA A 224 -3.11 26.21 -22.80
N THR A 225 -3.53 25.21 -22.04
CA THR A 225 -4.81 25.25 -21.36
C THR A 225 -4.72 24.54 -20.01
N THR A 226 -5.54 24.98 -19.07
CA THR A 226 -5.62 24.43 -17.73
C THR A 226 -7.07 24.07 -17.41
N GLY A 227 -7.27 23.49 -16.23
CA GLY A 227 -8.60 23.22 -15.73
C GLY A 227 -9.29 22.09 -16.47
N VAL A 228 -10.63 22.19 -16.54
CA VAL A 228 -11.43 21.19 -17.23
C VAL A 228 -11.25 21.24 -18.74
N SER A 229 -10.63 22.29 -19.27
CA SER A 229 -10.32 22.36 -20.69
C SER A 229 -9.07 21.55 -21.05
N THR A 230 -8.46 20.88 -20.08
CA THR A 230 -7.31 20.04 -20.33
C THR A 230 -7.73 18.79 -21.08
N GLU A 231 -6.81 18.27 -21.90
CA GLU A 231 -7.10 17.08 -22.69
C GLU A 231 -7.48 15.89 -21.79
N ILE A 232 -6.99 15.87 -20.55
CA ILE A 232 -7.39 14.83 -19.62
C ILE A 232 -8.65 15.22 -18.86
N GLY A 233 -8.92 16.52 -18.70
CA GLY A 233 -10.16 16.94 -18.09
C GLY A 233 -11.38 16.68 -18.94
N LYS A 234 -11.20 16.54 -20.26
CA LYS A 234 -12.27 16.17 -21.16
C LYS A 234 -12.70 14.72 -20.98
N ILE A 235 -11.96 13.95 -20.19
CA ILE A 235 -12.21 12.52 -19.98
C ILE A 235 -12.37 12.19 -18.50
N ARG A 236 -12.36 13.18 -17.62
CA ARG A 236 -12.43 12.92 -16.17
C ARG A 236 -13.72 12.20 -15.80
N ASP A 237 -14.87 12.81 -16.09
CA ASP A 237 -16.16 12.29 -15.67
C ASP A 237 -16.93 11.70 -16.84
N GLN A 238 -16.28 11.49 -17.98
CA GLN A 238 -16.96 11.03 -19.18
C GLN A 238 -16.52 9.62 -19.59
N MET A 239 -15.25 9.45 -19.96
CA MET A 239 -14.72 8.18 -20.41
C MET A 239 -13.75 7.61 -19.37
N ALA A 240 -13.87 6.30 -19.11
CA ALA A 240 -12.96 5.59 -18.22
C ALA A 240 -13.33 4.11 -18.26
N ALA A 241 -12.40 3.27 -17.81
CA ALA A 241 -12.61 1.84 -17.60
C ALA A 241 -12.23 1.57 -16.16
N THR A 242 -13.19 1.75 -15.24
CA THR A 242 -12.91 1.63 -13.82
C THR A 242 -12.45 0.22 -13.47
N GLU A 243 -11.28 0.14 -12.82
CA GLU A 243 -10.68 -1.13 -12.46
C GLU A 243 -11.11 -1.54 -11.06
N GLN A 244 -11.83 -2.64 -10.95
CA GLN A 244 -12.17 -3.23 -9.66
C GLN A 244 -11.94 -4.73 -9.75
N ASP A 245 -11.34 -5.29 -8.70
CA ASP A 245 -11.05 -6.72 -8.66
C ASP A 245 -11.06 -7.20 -7.21
N LYS A 246 -11.40 -8.46 -7.04
CA LYS A 246 -11.35 -9.10 -5.73
C LYS A 246 -9.92 -9.51 -5.40
N THR A 247 -9.58 -9.40 -4.12
CA THR A 247 -8.23 -9.64 -3.65
C THR A 247 -7.92 -11.14 -3.65
N PRO A 248 -6.64 -11.53 -3.58
CA PRO A 248 -6.32 -12.96 -3.49
C PRO A 248 -6.97 -13.67 -2.32
N LEU A 249 -7.20 -12.98 -1.20
CA LEU A 249 -7.92 -13.60 -0.09
C LEU A 249 -9.42 -13.54 -0.29
N GLN A 250 -9.93 -12.43 -0.86
CA GLN A 250 -11.37 -12.31 -1.09
C GLN A 250 -11.85 -13.33 -2.12
N GLN A 251 -10.99 -13.68 -3.09
CA GLN A 251 -11.33 -14.71 -4.05
C GLN A 251 -11.20 -16.11 -3.47
N LYS A 252 -10.24 -16.30 -2.57
CA LYS A 252 -10.12 -17.59 -1.88
C LYS A 252 -11.36 -17.89 -1.05
N LEU A 253 -11.98 -16.86 -0.47
CA LEU A 253 -13.16 -17.06 0.38
C LEU A 253 -14.42 -17.22 -0.45
N ASP A 254 -14.46 -16.69 -1.67
CA ASP A 254 -15.59 -16.96 -2.54
C ASP A 254 -15.60 -18.42 -3.00
N GLU A 255 -14.41 -19.00 -3.20
CA GLU A 255 -14.32 -20.44 -3.45
C GLU A 255 -14.79 -21.21 -2.23
N PHE A 256 -14.32 -20.82 -1.04
CA PHE A 256 -14.73 -21.47 0.20
C PHE A 256 -16.21 -21.30 0.46
N GLY A 257 -16.82 -20.22 -0.03
CA GLY A 257 -18.22 -19.98 0.19
C GLY A 257 -19.14 -20.82 -0.68
N GLU A 258 -18.78 -20.94 -1.96
CA GLU A 258 -19.65 -21.64 -2.90
C GLU A 258 -19.61 -23.15 -2.67
N GLN A 259 -18.42 -23.70 -2.43
CA GLN A 259 -18.32 -25.13 -2.14
C GLN A 259 -19.04 -25.49 -0.84
N LEU A 260 -19.06 -24.56 0.11
CA LEU A 260 -19.73 -24.81 1.38
C LEU A 260 -21.24 -24.68 1.26
N SER A 261 -21.72 -23.79 0.37
CA SER A 261 -23.16 -23.61 0.22
C SER A 261 -23.80 -24.81 -0.46
N LYS A 262 -23.04 -25.55 -1.28
CA LYS A 262 -23.58 -26.76 -1.88
C LYS A 262 -23.53 -27.95 -0.94
N VAL A 263 -22.61 -27.94 0.02
CA VAL A 263 -22.60 -28.98 1.04
C VAL A 263 -23.82 -28.85 1.95
N ILE A 264 -24.14 -27.61 2.34
CA ILE A 264 -25.35 -27.38 3.14
C ILE A 264 -26.58 -27.75 2.33
N SER A 265 -26.54 -27.56 1.00
CA SER A 265 -27.67 -27.93 0.16
C SER A 265 -27.97 -29.42 0.27
N LEU A 266 -26.93 -30.25 0.35
CA LEU A 266 -27.15 -31.68 0.54
C LEU A 266 -27.66 -31.96 1.95
N ILE A 267 -27.18 -31.22 2.94
CA ILE A 267 -27.65 -31.39 4.32
C ILE A 267 -29.14 -31.09 4.43
N CYS A 268 -29.54 -29.92 3.93
CA CYS A 268 -30.95 -29.54 4.00
C CYS A 268 -31.85 -30.44 3.17
N VAL A 269 -31.28 -31.17 2.21
CA VAL A 269 -32.02 -32.26 1.57
C VAL A 269 -31.98 -33.50 2.45
N ALA A 270 -30.82 -33.79 3.04
CA ALA A 270 -30.70 -34.93 3.95
C ALA A 270 -31.54 -34.76 5.21
N VAL A 271 -31.91 -33.52 5.55
CA VAL A 271 -32.81 -33.32 6.68
C VAL A 271 -34.26 -33.47 6.24
N TRP A 272 -34.60 -32.90 5.09
CA TRP A 272 -35.95 -33.09 4.53
C TRP A 272 -36.22 -34.55 4.24
N LEU A 273 -35.21 -35.29 3.81
CA LEU A 273 -35.42 -36.66 3.33
C LEU A 273 -35.55 -37.64 4.49
N ILE A 274 -34.76 -37.45 5.56
CA ILE A 274 -34.80 -38.39 6.67
C ILE A 274 -36.13 -38.33 7.41
N ASN A 275 -36.81 -37.20 7.38
CA ASN A 275 -38.13 -37.07 8.01
C ASN A 275 -39.23 -37.29 6.99
N ILE A 276 -39.09 -38.33 6.16
CA ILE A 276 -40.14 -38.70 5.23
C ILE A 276 -41.26 -39.45 5.94
N GLY A 277 -40.93 -40.23 6.98
CA GLY A 277 -41.93 -40.96 7.72
C GLY A 277 -42.78 -40.11 8.65
N HIS A 278 -42.41 -38.85 8.83
CA HIS A 278 -43.15 -37.93 9.70
C HIS A 278 -44.09 -37.02 8.93
N PHE A 279 -44.18 -37.17 7.61
CA PHE A 279 -45.11 -36.34 6.83
C PHE A 279 -46.56 -36.70 7.13
N ASN A 280 -46.84 -37.94 7.50
CA ASN A 280 -48.19 -38.39 7.78
C ASN A 280 -48.52 -38.41 9.27
N ASP A 281 -47.62 -37.91 10.12
CA ASP A 281 -47.91 -37.82 11.54
C ASP A 281 -48.99 -36.78 11.81
N PRO A 282 -49.75 -36.94 12.90
CA PRO A 282 -50.95 -36.12 13.10
C PRO A 282 -50.71 -34.72 13.65
N VAL A 283 -49.46 -34.24 13.71
CA VAL A 283 -49.23 -32.89 14.23
C VAL A 283 -49.84 -31.85 13.32
N HIS A 284 -49.78 -32.08 12.00
CA HIS A 284 -50.34 -31.17 11.02
C HIS A 284 -51.55 -31.78 10.31
N GLY A 285 -52.27 -32.66 11.01
CA GLY A 285 -53.44 -33.31 10.47
C GLY A 285 -53.19 -34.58 9.68
N GLY A 286 -51.94 -35.06 9.63
CA GLY A 286 -51.60 -36.23 8.86
C GLY A 286 -51.63 -36.04 7.35
N SER A 287 -52.05 -34.87 6.87
CA SER A 287 -52.04 -34.61 5.43
C SER A 287 -50.62 -34.70 4.87
N TRP A 288 -50.49 -35.37 3.73
CA TRP A 288 -49.16 -35.57 3.16
C TRP A 288 -48.56 -34.25 2.71
N ILE A 289 -49.38 -33.35 2.13
CA ILE A 289 -48.85 -32.08 1.65
C ILE A 289 -48.68 -31.09 2.79
N ARG A 290 -49.65 -31.02 3.70
CA ARG A 290 -49.53 -30.11 4.84
C ARG A 290 -48.50 -30.57 5.85
N GLY A 291 -47.93 -31.76 5.68
CA GLY A 291 -46.81 -32.19 6.47
C GLY A 291 -45.50 -31.99 5.74
N ALA A 292 -45.52 -32.20 4.42
CA ALA A 292 -44.31 -32.01 3.63
C ALA A 292 -43.94 -30.54 3.46
N ILE A 293 -44.94 -29.66 3.43
CA ILE A 293 -44.66 -28.23 3.33
C ILE A 293 -43.96 -27.74 4.60
N TYR A 294 -44.32 -28.31 5.75
CA TYR A 294 -43.72 -27.88 7.00
C TYR A 294 -42.24 -28.24 7.06
N TYR A 295 -41.90 -29.48 6.71
CA TYR A 295 -40.50 -29.89 6.75
C TYR A 295 -39.70 -29.31 5.59
N PHE A 296 -40.35 -28.81 4.55
CA PHE A 296 -39.65 -28.00 3.57
C PHE A 296 -39.22 -26.66 4.16
N LYS A 297 -39.96 -26.17 5.15
CA LYS A 297 -39.63 -24.89 5.78
C LYS A 297 -38.42 -25.02 6.70
N ILE A 298 -38.31 -26.13 7.42
CA ILE A 298 -37.21 -26.28 8.36
C ILE A 298 -35.89 -26.48 7.63
N ALA A 299 -35.94 -27.03 6.42
CA ALA A 299 -34.74 -27.10 5.59
C ALA A 299 -34.30 -25.71 5.16
N VAL A 300 -35.27 -24.84 4.86
CA VAL A 300 -34.94 -23.44 4.56
C VAL A 300 -34.39 -22.75 5.80
N ALA A 301 -35.03 -22.96 6.96
CA ALA A 301 -34.56 -22.34 8.19
C ALA A 301 -33.20 -22.90 8.61
N LEU A 302 -32.92 -24.17 8.30
CA LEU A 302 -31.61 -24.72 8.60
C LEU A 302 -30.54 -24.18 7.66
N ALA A 303 -30.90 -23.95 6.39
CA ALA A 303 -29.93 -23.44 5.43
C ALA A 303 -29.44 -22.05 5.83
N VAL A 304 -30.38 -21.11 6.01
CA VAL A 304 -29.99 -19.74 6.31
C VAL A 304 -29.28 -19.65 7.65
N ALA A 305 -29.58 -20.55 8.58
CA ALA A 305 -28.86 -20.59 9.85
C ALA A 305 -27.45 -21.11 9.66
N ALA A 306 -27.30 -22.21 8.93
CA ALA A 306 -25.98 -22.77 8.70
C ALA A 306 -25.14 -21.88 7.80
N ILE A 307 -25.76 -21.19 6.85
CA ILE A 307 -25.00 -20.33 5.93
C ILE A 307 -24.38 -19.17 6.72
N PRO A 308 -23.07 -18.96 6.63
CA PRO A 308 -22.47 -17.75 7.19
C PRO A 308 -22.73 -16.55 6.31
N GLU A 309 -23.81 -15.83 6.59
CA GLU A 309 -24.23 -14.76 5.70
C GLU A 309 -23.54 -13.43 5.99
N GLY A 310 -22.82 -13.31 7.11
CA GLY A 310 -22.03 -12.14 7.37
C GLY A 310 -20.66 -12.13 6.73
N LEU A 311 -20.32 -13.19 5.97
CA LEU A 311 -19.00 -13.29 5.38
C LEU A 311 -18.69 -12.19 4.37
N PRO A 312 -19.50 -11.94 3.34
CA PRO A 312 -19.16 -10.86 2.40
C PRO A 312 -19.22 -9.48 3.02
N ALA A 313 -19.86 -9.32 4.17
CA ALA A 313 -19.90 -8.03 4.85
C ALA A 313 -18.73 -7.83 5.80
N VAL A 314 -18.24 -8.91 6.42
CA VAL A 314 -17.10 -8.79 7.32
C VAL A 314 -15.79 -8.69 6.56
N ILE A 315 -15.73 -9.20 5.32
CA ILE A 315 -14.55 -9.02 4.49
C ILE A 315 -14.44 -7.57 4.05
N THR A 316 -15.54 -7.00 3.58
CA THR A 316 -15.55 -5.58 3.21
C THR A 316 -15.19 -4.71 4.41
N THR A 317 -15.61 -5.12 5.61
CA THR A 317 -15.33 -4.33 6.81
C THR A 317 -13.85 -4.36 7.16
N CYS A 318 -13.25 -5.56 7.17
CA CYS A 318 -11.84 -5.68 7.51
C CYS A 318 -10.96 -4.93 6.51
N LEU A 319 -11.27 -5.03 5.22
CA LEU A 319 -10.48 -4.31 4.21
C LEU A 319 -10.67 -2.80 4.34
N ALA A 320 -11.91 -2.35 4.54
CA ALA A 320 -12.14 -0.92 4.72
C ALA A 320 -11.51 -0.43 6.00
N LEU A 321 -11.54 -1.26 7.06
CA LEU A 321 -10.92 -0.88 8.32
C LEU A 321 -9.40 -0.80 8.18
N GLY A 322 -8.82 -1.72 7.40
CA GLY A 322 -7.38 -1.67 7.19
C GLY A 322 -6.95 -0.47 6.38
N THR A 323 -7.68 -0.16 5.31
CA THR A 323 -7.39 1.05 4.54
C THR A 323 -7.54 2.29 5.39
N ARG A 324 -8.51 2.29 6.30
CA ARG A 324 -8.77 3.46 7.13
C ARG A 324 -7.68 3.63 8.19
N ARG A 325 -7.01 2.55 8.58
CA ARG A 325 -5.93 2.64 9.55
C ARG A 325 -4.62 3.05 8.88
N MET A 326 -4.39 2.64 7.63
CA MET A 326 -3.21 3.09 6.91
C MET A 326 -3.34 4.55 6.49
N ALA A 327 -4.55 4.99 6.15
CA ALA A 327 -4.76 6.41 5.86
C ALA A 327 -4.55 7.26 7.10
N LYS A 328 -4.77 6.69 8.29
CA LYS A 328 -4.48 7.41 9.52
C LYS A 328 -3.00 7.36 9.88
N LYS A 329 -2.27 6.38 9.34
CA LYS A 329 -0.82 6.33 9.43
C LYS A 329 -0.15 7.13 8.32
N ASN A 330 -0.92 7.93 7.58
CA ASN A 330 -0.42 8.74 6.47
C ASN A 330 0.17 7.86 5.37
N ALA A 331 -0.65 6.92 4.89
CA ALA A 331 -0.26 5.99 3.85
C ALA A 331 -1.43 5.80 2.90
N ILE A 332 -1.35 6.38 1.72
CA ILE A 332 -2.40 6.22 0.72
C ILE A 332 -2.35 4.81 0.17
N VAL A 333 -3.49 4.13 0.17
CA VAL A 333 -3.61 2.79 -0.38
C VAL A 333 -4.20 2.93 -1.78
N ARG A 334 -3.38 2.73 -2.80
CA ARG A 334 -3.83 2.95 -4.17
C ARG A 334 -4.53 1.73 -4.75
N SER A 335 -4.18 0.53 -4.27
CA SER A 335 -4.81 -0.70 -4.70
C SER A 335 -5.29 -1.46 -3.47
N LEU A 336 -6.55 -1.91 -3.51
CA LEU A 336 -7.15 -2.53 -2.33
C LEU A 336 -6.42 -3.78 -1.84
N PRO A 337 -5.97 -4.71 -2.70
CA PRO A 337 -5.28 -5.91 -2.18
C PRO A 337 -3.92 -5.64 -1.56
N SER A 338 -3.41 -4.41 -1.61
CA SER A 338 -2.05 -4.16 -1.15
C SER A 338 -1.89 -4.38 0.34
N VAL A 339 -2.94 -4.12 1.12
CA VAL A 339 -2.82 -4.26 2.57
C VAL A 339 -2.72 -5.72 2.96
N GLU A 340 -3.46 -6.60 2.28
CA GLU A 340 -3.45 -8.01 2.68
C GLU A 340 -2.23 -8.75 2.12
N THR A 341 -1.74 -8.36 0.94
CA THR A 341 -0.60 -9.03 0.34
C THR A 341 0.68 -8.69 1.10
N LEU A 342 0.79 -7.45 1.57
CA LEU A 342 1.95 -7.03 2.33
C LEU A 342 2.03 -7.71 3.68
N GLY A 343 0.97 -8.41 4.11
CA GLY A 343 1.03 -9.15 5.35
C GLY A 343 1.88 -10.39 5.24
N CYS A 344 1.63 -11.22 4.23
CA CYS A 344 2.40 -12.43 4.00
C CYS A 344 3.68 -12.18 3.21
N THR A 345 4.16 -10.94 3.18
CA THR A 345 5.42 -10.63 2.52
C THR A 345 6.59 -11.24 3.27
N SER A 346 7.54 -11.81 2.52
CA SER A 346 8.72 -12.42 3.09
C SER A 346 10.01 -11.66 2.83
N VAL A 347 10.13 -10.97 1.71
CA VAL A 347 11.35 -10.25 1.34
C VAL A 347 10.98 -8.80 1.01
N ILE A 348 11.67 -7.85 1.63
CA ILE A 348 11.50 -6.44 1.35
C ILE A 348 12.76 -5.94 0.64
N CYS A 349 12.62 -5.59 -0.63
CA CYS A 349 13.66 -4.85 -1.33
C CYS A 349 13.49 -3.36 -1.08
N SER A 350 14.60 -2.64 -1.03
CA SER A 350 14.53 -1.23 -0.66
C SER A 350 15.65 -0.44 -1.33
N ASP A 351 15.26 0.71 -1.89
CA ASP A 351 16.19 1.69 -2.44
C ASP A 351 17.04 2.27 -1.31
N LYS A 352 18.23 2.75 -1.65
CA LYS A 352 19.09 3.43 -0.67
C LYS A 352 18.79 4.91 -0.56
N THR A 353 19.00 5.65 -1.65
CA THR A 353 18.98 7.10 -1.58
C THR A 353 17.55 7.61 -1.62
N GLY A 354 17.22 8.46 -0.66
CA GLY A 354 15.88 8.99 -0.56
C GLY A 354 14.95 8.06 0.18
N THR A 355 15.00 6.78 -0.16
CA THR A 355 14.14 5.78 0.47
C THR A 355 14.61 5.51 1.90
N LEU A 356 15.79 4.92 2.06
CA LEU A 356 16.30 4.66 3.39
C LEU A 356 16.96 5.88 4.01
N THR A 357 17.50 6.78 3.18
CA THR A 357 18.10 8.01 3.66
C THR A 357 17.11 9.16 3.56
N THR A 358 17.47 10.28 4.17
CA THR A 358 16.60 11.45 4.18
C THR A 358 16.64 12.25 2.89
N ASN A 359 17.62 11.96 2.02
CA ASN A 359 17.86 12.72 0.80
C ASN A 359 18.15 14.20 1.10
N GLN A 360 18.60 14.49 2.32
CA GLN A 360 19.01 15.85 2.71
C GLN A 360 20.49 16.04 2.33
N MET A 361 20.71 16.20 1.03
CA MET A 361 22.06 16.23 0.50
C MET A 361 22.76 17.52 0.88
N SER A 362 24.06 17.42 1.18
CA SER A 362 24.89 18.59 1.49
C SER A 362 26.35 18.19 1.40
N VAL A 363 27.12 18.93 0.59
CA VAL A 363 28.55 18.65 0.47
C VAL A 363 29.25 19.09 1.75
N CYS A 364 30.07 18.20 2.31
CA CYS A 364 30.81 18.52 3.52
C CYS A 364 32.32 18.40 3.37
N LYS A 365 32.82 17.63 2.39
CA LYS A 365 34.25 17.53 2.14
C LYS A 365 34.50 17.43 0.64
N MET A 366 35.63 17.96 0.23
CA MET A 366 36.01 17.93 -1.19
C MET A 366 37.52 17.99 -1.27
N PHE A 367 38.11 17.55 -2.37
CA PHE A 367 39.56 17.65 -2.41
C PHE A 367 39.99 17.81 -3.85
N ILE A 368 41.12 18.48 -4.05
CA ILE A 368 41.74 18.73 -5.37
C ILE A 368 43.23 18.42 -5.21
N ILE A 369 43.94 18.31 -6.31
CA ILE A 369 45.33 17.89 -6.29
C ILE A 369 46.27 19.02 -5.90
N ASP A 370 47.20 18.74 -4.98
CA ASP A 370 48.19 19.72 -4.55
C ASP A 370 49.52 19.55 -5.26
N LYS A 371 50.10 18.36 -5.22
CA LYS A 371 51.43 18.12 -5.79
C LYS A 371 51.47 16.75 -6.44
N VAL A 372 52.24 16.64 -7.52
CA VAL A 372 52.49 15.37 -8.20
C VAL A 372 53.97 15.33 -8.55
N ASP A 373 54.70 14.39 -7.94
CA ASP A 373 56.13 14.27 -8.18
C ASP A 373 56.49 12.80 -8.04
N GLY A 374 56.66 12.12 -9.19
CA GLY A 374 56.96 10.71 -9.20
C GLY A 374 55.83 9.86 -8.65
N ASP A 375 56.09 9.14 -7.57
CA ASP A 375 55.07 8.33 -6.92
C ASP A 375 54.29 9.10 -5.86
N PHE A 376 54.71 10.32 -5.55
CA PHE A 376 54.08 11.10 -4.49
C PHE A 376 52.91 11.92 -5.03
N CYS A 377 51.77 11.82 -4.36
CA CYS A 377 50.61 12.63 -4.67
C CYS A 377 50.14 13.34 -3.40
N SER A 378 49.93 14.64 -3.50
CA SER A 378 49.49 15.47 -2.38
C SER A 378 48.13 16.06 -2.70
N LEU A 379 47.29 16.17 -1.68
CA LEU A 379 45.91 16.60 -1.86
C LEU A 379 45.63 17.83 -1.00
N ASN A 380 44.98 18.83 -1.60
CA ASN A 380 44.42 19.95 -0.85
C ASN A 380 43.01 19.58 -0.44
N GLU A 381 42.83 19.25 0.83
CA GLU A 381 41.60 18.66 1.34
C GLU A 381 40.85 19.69 2.17
N PHE A 382 39.60 19.95 1.80
CA PHE A 382 38.78 20.98 2.42
C PHE A 382 37.59 20.38 3.15
N SER A 383 37.05 21.14 4.10
CA SER A 383 35.83 20.80 4.81
C SER A 383 34.85 21.95 4.68
N ILE A 384 33.57 21.63 4.54
CA ILE A 384 32.53 22.62 4.27
C ILE A 384 31.44 22.49 5.32
N THR A 385 31.15 23.59 6.01
CA THR A 385 30.07 23.65 6.98
C THR A 385 28.74 23.92 6.28
N GLY A 386 27.65 23.61 6.99
CA GLY A 386 26.32 23.76 6.43
C GLY A 386 25.67 22.44 6.10
N SER A 387 24.51 22.18 6.70
CA SER A 387 23.84 20.89 6.57
C SER A 387 22.50 20.98 5.85
N THR A 388 22.13 22.15 5.35
CA THR A 388 20.92 22.32 4.56
C THR A 388 21.28 22.92 3.20
N TYR A 389 20.25 23.17 2.39
CA TYR A 389 20.46 23.78 1.08
C TYR A 389 20.67 25.29 1.15
N ALA A 390 20.67 25.87 2.34
CA ALA A 390 20.91 27.30 2.48
C ALA A 390 22.35 27.63 2.13
N PRO A 391 22.59 28.71 1.36
CA PRO A 391 23.94 29.14 0.98
C PRO A 391 24.71 29.80 2.13
N GLU A 392 24.70 29.15 3.28
CA GLU A 392 25.21 29.72 4.53
C GLU A 392 26.24 28.75 5.10
N GLY A 393 27.51 28.98 4.78
CA GLY A 393 28.57 28.13 5.30
C GLY A 393 29.92 28.71 4.96
N GLU A 394 30.96 28.02 5.42
CA GLU A 394 32.34 28.42 5.16
C GLU A 394 33.15 27.22 4.71
N VAL A 395 34.14 27.49 3.86
CA VAL A 395 35.08 26.47 3.40
C VAL A 395 36.34 26.57 4.24
N LEU A 396 36.81 25.42 4.73
CA LEU A 396 37.90 25.37 5.70
C LEU A 396 39.00 24.45 5.20
N LYS A 397 40.24 24.91 5.27
CA LYS A 397 41.40 24.04 5.17
C LYS A 397 42.23 24.18 6.45
N ASN A 398 42.68 23.03 6.98
CA ASN A 398 43.41 22.97 8.24
C ASN A 398 42.62 23.62 9.37
N ASP A 399 41.29 23.49 9.32
CA ASP A 399 40.38 23.88 10.39
C ASP A 399 40.33 25.40 10.58
N LYS A 400 40.52 26.16 9.51
CA LYS A 400 40.32 27.60 9.55
C LYS A 400 39.73 28.05 8.22
N PRO A 401 38.87 29.08 8.24
CA PRO A 401 38.17 29.49 7.01
C PRO A 401 39.13 30.07 5.98
N ILE A 402 38.98 29.63 4.73
CA ILE A 402 39.79 30.14 3.63
C ILE A 402 38.85 30.70 2.57
N ARG A 403 39.42 31.47 1.66
CA ARG A 403 38.69 32.03 0.53
C ARG A 403 38.86 31.09 -0.66
N SER A 404 37.74 30.58 -1.19
CA SER A 404 37.83 29.55 -2.22
C SER A 404 38.57 30.03 -3.45
N GLY A 405 38.55 31.33 -3.73
CA GLY A 405 39.23 31.86 -4.90
C GLY A 405 40.73 31.69 -4.88
N GLN A 406 41.31 31.45 -3.70
CA GLN A 406 42.77 31.29 -3.59
C GLN A 406 43.26 30.14 -4.46
N PHE A 407 42.63 28.98 -4.35
CA PHE A 407 43.12 27.78 -5.01
C PHE A 407 42.48 27.66 -6.40
N ASP A 408 43.31 27.64 -7.44
CA ASP A 408 42.79 27.60 -8.80
C ASP A 408 42.01 26.32 -9.05
N GLY A 409 42.39 25.23 -8.40
CA GLY A 409 41.64 23.99 -8.55
C GLY A 409 40.21 24.11 -8.10
N LEU A 410 39.95 24.93 -7.08
CA LEU A 410 38.59 25.11 -6.60
C LEU A 410 37.75 25.94 -7.55
N VAL A 411 38.39 26.82 -8.32
CA VAL A 411 37.65 27.62 -9.30
C VAL A 411 37.01 26.68 -10.32
N GLU A 412 37.83 25.85 -10.96
CA GLU A 412 37.32 24.91 -11.96
C GLU A 412 36.32 23.95 -11.34
N LEU A 413 36.51 23.59 -10.06
CA LEU A 413 35.55 22.73 -9.38
C LEU A 413 34.19 23.41 -9.26
N ALA A 414 34.18 24.65 -8.80
CA ALA A 414 32.92 25.39 -8.74
C ALA A 414 32.34 25.61 -10.13
N THR A 415 33.19 25.77 -11.15
CA THR A 415 32.69 25.96 -12.49
C THR A 415 32.03 24.70 -13.03
N ILE A 416 32.54 23.52 -12.67
CA ILE A 416 31.91 22.28 -13.08
C ILE A 416 30.58 22.09 -12.37
N CYS A 417 30.57 22.26 -11.04
CA CYS A 417 29.34 22.08 -10.27
C CYS A 417 28.23 23.01 -10.74
N ALA A 418 28.58 24.24 -11.14
CA ALA A 418 27.56 25.22 -11.50
C ALA A 418 27.00 24.97 -12.90
N LEU A 419 27.83 24.49 -13.84
CA LEU A 419 27.39 24.33 -15.22
C LEU A 419 26.79 22.95 -15.47
N CYS A 420 27.56 21.89 -15.19
CA CYS A 420 27.06 20.54 -15.37
C CYS A 420 26.00 20.24 -14.33
N ASN A 421 24.83 20.88 -14.43
CA ASN A 421 23.84 20.83 -13.36
C ASN A 421 22.51 21.29 -13.91
N ASP A 422 21.48 20.45 -13.79
CA ASP A 422 20.13 20.79 -14.22
C ASP A 422 19.24 21.18 -13.06
N SER A 423 19.78 21.34 -11.87
CA SER A 423 18.99 21.65 -10.68
C SER A 423 19.36 23.04 -10.18
N SER A 424 18.35 23.79 -9.72
CA SER A 424 18.58 25.11 -9.18
C SER A 424 18.16 25.17 -7.71
N LEU A 425 17.88 26.37 -7.22
CA LEU A 425 17.54 26.55 -5.81
C LEU A 425 16.55 27.69 -5.68
N ASP A 426 15.44 27.44 -5.00
CA ASP A 426 14.38 28.42 -4.82
C ASP A 426 14.13 28.63 -3.33
N PHE A 427 13.84 29.87 -2.96
CA PHE A 427 13.56 30.23 -1.58
C PHE A 427 12.06 30.26 -1.35
N ASN A 428 11.61 29.57 -0.31
CA ASN A 428 10.19 29.56 0.06
C ASN A 428 9.97 30.65 1.09
N GLU A 429 9.24 31.71 0.71
CA GLU A 429 9.07 32.83 1.62
C GLU A 429 8.14 32.50 2.77
N THR A 430 7.23 31.55 2.59
CA THR A 430 6.35 31.14 3.69
C THR A 430 7.11 30.29 4.70
N LYS A 431 7.72 29.20 4.24
CA LYS A 431 8.48 28.34 5.15
C LYS A 431 9.80 28.97 5.57
N GLY A 432 10.30 29.94 4.83
CA GLY A 432 11.56 30.58 5.18
C GLY A 432 12.78 29.72 4.98
N VAL A 433 12.67 28.64 4.21
CA VAL A 433 13.79 27.75 3.97
C VAL A 433 14.02 27.63 2.47
N TYR A 434 15.25 27.30 2.11
CA TYR A 434 15.59 27.04 0.71
C TYR A 434 15.20 25.61 0.36
N GLU A 435 14.51 25.45 -0.76
CA GLU A 435 14.04 24.15 -1.22
C GLU A 435 14.75 23.74 -2.51
N LYS A 436 14.89 22.44 -2.71
CA LYS A 436 15.58 21.92 -3.89
C LYS A 436 14.65 21.97 -5.09
N VAL A 437 15.18 22.50 -6.21
CA VAL A 437 14.45 22.47 -7.47
C VAL A 437 15.20 21.54 -8.41
N GLY A 438 14.78 20.30 -8.48
CA GLY A 438 15.48 19.31 -9.26
C GLY A 438 16.11 18.26 -8.36
N GLU A 439 17.00 17.47 -8.95
CA GLU A 439 17.54 16.33 -8.24
C GLU A 439 18.43 16.80 -7.10
N ALA A 440 18.34 16.10 -5.96
CA ALA A 440 19.00 16.58 -4.75
C ALA A 440 20.51 16.39 -4.81
N THR A 441 20.97 15.34 -5.49
CA THR A 441 22.39 15.19 -5.75
C THR A 441 22.98 16.39 -6.48
N GLU A 442 22.17 17.19 -7.17
CA GLU A 442 22.63 18.37 -7.87
C GLU A 442 22.39 19.68 -7.13
N THR A 443 21.23 19.84 -6.49
CA THR A 443 21.02 20.97 -5.61
C THR A 443 22.08 21.04 -4.53
N ALA A 444 22.59 19.89 -4.09
CA ALA A 444 23.71 19.89 -3.15
C ALA A 444 24.91 20.61 -3.72
N LEU A 445 25.21 20.36 -5.00
CA LEU A 445 26.32 21.08 -5.65
C LEU A 445 25.97 22.54 -5.85
N THR A 446 24.71 22.84 -6.14
CA THR A 446 24.28 24.23 -6.28
C THR A 446 24.56 25.03 -5.01
N THR A 447 24.26 24.45 -3.85
CA THR A 447 24.53 25.16 -2.60
C THR A 447 26.02 25.30 -2.36
N LEU A 448 26.81 24.32 -2.80
CA LEU A 448 28.26 24.40 -2.59
C LEU A 448 28.87 25.57 -3.35
N VAL A 449 28.38 25.84 -4.56
CA VAL A 449 28.93 26.93 -5.37
C VAL A 449 28.65 28.28 -4.70
N GLU A 450 27.48 28.40 -4.06
CA GLU A 450 27.16 29.64 -3.36
C GLU A 450 28.02 29.79 -2.11
N LYS A 451 28.27 28.70 -1.39
CA LYS A 451 29.12 28.76 -0.20
C LYS A 451 30.56 29.06 -0.58
N MET A 452 31.03 28.58 -1.73
CA MET A 452 32.41 28.85 -2.13
C MET A 452 32.60 30.31 -2.54
N ASN A 453 31.72 30.82 -3.38
CA ASN A 453 31.79 32.20 -3.88
C ASN A 453 33.18 32.49 -4.43
N VAL A 454 33.52 31.76 -5.50
CA VAL A 454 34.91 31.72 -5.95
C VAL A 454 35.34 32.97 -6.69
N PHE A 455 34.41 33.83 -7.09
CA PHE A 455 34.75 35.09 -7.75
C PHE A 455 34.54 36.31 -6.86
N ASN A 456 34.28 36.11 -5.58
CA ASN A 456 34.20 37.20 -4.60
C ASN A 456 33.10 38.18 -4.97
N THR A 457 31.91 37.64 -5.24
CA THR A 457 30.79 38.44 -5.71
C THR A 457 30.05 39.05 -4.52
N GLU A 458 29.62 40.30 -4.68
CA GLU A 458 28.93 41.03 -3.63
C GLU A 458 27.57 40.40 -3.34
N VAL A 459 27.53 39.48 -2.37
CA VAL A 459 26.31 38.79 -2.00
C VAL A 459 25.71 39.30 -0.70
N ARG A 460 26.33 40.30 -0.08
CA ARG A 460 25.91 40.70 1.25
C ARG A 460 24.63 41.51 1.23
N ASN A 461 24.42 42.32 0.18
CA ASN A 461 23.22 43.14 0.06
C ASN A 461 22.13 42.46 -0.78
N LEU A 462 22.22 41.15 -1.00
CA LEU A 462 21.24 40.45 -1.81
C LEU A 462 20.15 39.87 -0.93
N SER A 463 18.90 39.96 -1.41
CA SER A 463 17.77 39.44 -0.68
C SER A 463 17.84 37.92 -0.57
N LYS A 464 17.09 37.37 0.40
CA LYS A 464 17.08 35.92 0.60
C LYS A 464 16.48 35.16 -0.57
N VAL A 465 15.87 35.84 -1.53
CA VAL A 465 15.42 35.21 -2.76
C VAL A 465 16.46 35.32 -3.86
N GLU A 466 17.14 36.46 -3.94
CA GLU A 466 18.19 36.66 -4.93
C GLU A 466 19.49 35.96 -4.55
N ARG A 467 19.70 35.69 -3.26
CA ARG A 467 20.94 35.08 -2.80
C ARG A 467 21.07 33.63 -3.23
N ALA A 468 19.95 32.96 -3.49
CA ALA A 468 19.97 31.51 -3.74
C ALA A 468 20.86 31.16 -4.94
N ASN A 469 20.71 31.89 -6.03
CA ASN A 469 21.41 31.59 -7.28
C ASN A 469 22.37 32.71 -7.66
N ALA A 470 23.02 33.30 -6.66
CA ALA A 470 23.89 34.44 -6.91
C ALA A 470 25.21 34.02 -7.57
N CYS A 471 26.01 33.22 -6.87
CA CYS A 471 27.33 32.87 -7.38
C CYS A 471 27.25 31.93 -8.56
N ASN A 472 26.17 31.15 -8.66
CA ASN A 472 25.97 30.30 -9.83
C ASN A 472 25.76 31.12 -11.10
N SER A 473 24.94 32.18 -11.00
CA SER A 473 24.65 32.99 -12.17
C SER A 473 25.89 33.70 -12.69
N VAL A 474 26.84 34.02 -11.81
CA VAL A 474 28.09 34.62 -12.25
C VAL A 474 28.84 33.66 -13.17
N ILE A 475 28.95 32.39 -12.76
CA ILE A 475 29.66 31.42 -13.58
C ILE A 475 28.88 31.11 -14.85
N ARG A 476 27.54 31.10 -14.78
CA ARG A 476 26.75 30.85 -15.98
C ARG A 476 26.85 31.97 -17.01
N GLN A 477 27.42 33.12 -16.64
CA GLN A 477 27.64 34.21 -17.59
C GLN A 477 29.01 34.16 -18.23
N LEU A 478 29.94 33.35 -17.71
CA LEU A 478 31.29 33.31 -18.24
C LEU A 478 31.40 32.37 -19.44
N MET A 479 30.71 31.24 -19.41
CA MET A 479 30.65 30.32 -20.54
C MET A 479 29.21 29.92 -20.80
N LYS A 480 28.85 29.85 -22.09
CA LYS A 480 27.50 29.52 -22.50
C LYS A 480 27.36 28.02 -22.70
N LYS A 481 26.35 27.43 -22.07
CA LYS A 481 26.06 26.01 -22.24
C LYS A 481 25.39 25.81 -23.59
N GLU A 482 26.08 25.17 -24.54
CA GLU A 482 25.51 24.99 -25.87
C GLU A 482 24.56 23.79 -25.91
N PHE A 483 24.97 22.65 -25.36
CA PHE A 483 24.09 21.49 -25.31
C PHE A 483 24.51 20.57 -24.18
N THR A 484 23.56 19.75 -23.73
CA THR A 484 23.74 18.89 -22.57
C THR A 484 23.76 17.43 -23.00
N LEU A 485 24.71 16.66 -22.45
CA LEU A 485 24.75 15.21 -22.62
C LEU A 485 24.21 14.62 -21.33
N GLU A 486 22.89 14.40 -21.30
CA GLU A 486 22.18 14.19 -20.05
C GLU A 486 22.56 12.85 -19.43
N PHE A 487 21.88 12.55 -18.33
CA PHE A 487 22.32 11.47 -17.46
C PHE A 487 21.73 10.15 -17.97
N SER A 488 22.61 9.16 -18.19
CA SER A 488 22.19 7.90 -18.86
C SER A 488 21.97 6.71 -17.93
N ARG A 489 22.90 6.50 -16.98
CA ARG A 489 22.99 5.42 -15.95
C ARG A 489 23.63 4.14 -16.54
N ASP A 490 24.03 4.15 -17.81
CA ASP A 490 24.88 3.06 -18.36
C ASP A 490 26.33 3.35 -17.99
N ARG A 491 26.74 4.61 -18.15
CA ARG A 491 28.07 5.12 -17.85
C ARG A 491 28.11 5.86 -16.53
N LYS A 492 26.95 6.24 -15.98
CA LYS A 492 26.88 6.85 -14.66
C LYS A 492 27.56 8.22 -14.66
N SER A 493 27.21 9.02 -15.66
CA SER A 493 27.89 10.29 -15.89
C SER A 493 26.95 11.28 -16.55
N MET A 494 27.25 12.56 -16.36
CA MET A 494 26.56 13.67 -17.02
C MET A 494 27.59 14.63 -17.56
N SER A 495 27.30 15.25 -18.71
CA SER A 495 28.32 16.12 -19.33
C SER A 495 27.68 17.32 -20.00
N VAL A 496 28.42 18.40 -20.22
CA VAL A 496 27.87 19.60 -20.92
C VAL A 496 28.97 20.16 -21.83
N TYR A 497 28.62 20.67 -23.00
CA TYR A 497 29.64 21.25 -23.91
C TYR A 497 29.44 22.77 -23.89
N CYS A 498 30.43 23.51 -23.41
CA CYS A 498 30.26 24.96 -23.21
C CYS A 498 31.30 25.73 -24.03
N SER A 499 30.96 26.98 -24.38
CA SER A 499 31.86 27.83 -25.10
C SER A 499 31.98 29.15 -24.36
N PRO A 500 33.10 29.85 -24.49
CA PRO A 500 33.24 31.16 -23.84
C PRO A 500 32.18 32.14 -24.33
N ALA A 501 31.78 33.04 -23.43
CA ALA A 501 30.54 33.80 -23.63
C ALA A 501 30.67 34.83 -24.74
N LYS A 502 31.71 35.65 -24.71
CA LYS A 502 31.87 36.71 -25.70
C LYS A 502 32.77 36.31 -26.87
N SER A 503 33.58 35.27 -26.70
CA SER A 503 34.67 34.91 -27.61
C SER A 503 35.73 35.99 -27.71
N SER A 504 35.77 36.92 -26.75
CA SER A 504 36.76 37.98 -26.71
C SER A 504 37.26 38.15 -25.29
N ARG A 505 36.35 37.97 -24.32
CA ARG A 505 36.74 37.88 -22.92
C ARG A 505 37.49 36.59 -22.61
N ALA A 506 37.24 35.53 -23.38
CA ALA A 506 37.95 34.27 -23.25
C ALA A 506 37.98 33.60 -24.62
N ALA A 507 39.17 33.22 -25.07
CA ALA A 507 39.34 32.45 -26.29
C ALA A 507 40.05 31.12 -25.99
N VAL A 508 39.80 30.58 -24.81
CA VAL A 508 40.48 29.37 -24.36
C VAL A 508 40.09 28.13 -25.15
N GLY A 509 39.08 28.23 -26.02
CA GLY A 509 38.55 27.08 -26.70
C GLY A 509 37.38 26.47 -25.96
N ASN A 510 36.76 25.48 -26.60
CA ASN A 510 35.60 24.83 -26.01
C ASN A 510 36.03 23.83 -24.94
N LYS A 511 35.12 23.56 -24.02
CA LYS A 511 35.37 22.66 -22.91
C LYS A 511 34.13 21.84 -22.61
N MET A 512 34.35 20.62 -22.11
CA MET A 512 33.29 19.75 -21.61
C MET A 512 33.53 19.50 -20.14
N PHE A 513 32.49 19.68 -19.33
CA PHE A 513 32.55 19.48 -17.88
C PHE A 513 31.70 18.27 -17.53
N VAL A 514 32.31 17.26 -16.92
CA VAL A 514 31.67 15.97 -16.69
C VAL A 514 31.69 15.68 -15.20
N LYS A 515 30.54 15.36 -14.62
CA LYS A 515 30.48 14.80 -13.26
C LYS A 515 29.71 13.50 -13.23
N GLY A 516 30.23 12.55 -12.48
CA GLY A 516 29.59 11.26 -12.33
C GLY A 516 30.27 10.45 -11.26
N ALA A 517 29.74 9.24 -11.09
CA ALA A 517 30.26 8.29 -10.12
C ALA A 517 31.76 8.12 -10.30
N PRO A 518 32.54 8.11 -9.23
CA PRO A 518 33.99 8.27 -9.39
C PRO A 518 34.65 7.14 -10.14
N GLU A 519 34.17 5.92 -9.96
CA GLU A 519 34.87 4.77 -10.52
C GLU A 519 34.86 4.82 -12.05
N GLY A 520 33.74 5.24 -12.64
CA GLY A 520 33.67 5.34 -14.09
C GLY A 520 34.41 6.53 -14.65
N VAL A 521 34.34 7.67 -13.95
CA VAL A 521 34.96 8.89 -14.47
C VAL A 521 36.48 8.78 -14.41
N ILE A 522 37.01 8.29 -13.28
CA ILE A 522 38.46 8.20 -13.11
C ILE A 522 39.08 7.21 -14.10
N ASP A 523 38.36 6.14 -14.44
CA ASP A 523 38.85 5.24 -15.49
C ASP A 523 38.98 5.97 -16.83
N ARG A 524 38.14 6.98 -17.06
CA ARG A 524 38.14 7.71 -18.33
C ARG A 524 38.98 8.98 -18.27
N CYS A 525 39.86 9.10 -17.27
CA CYS A 525 40.73 10.25 -17.12
C CYS A 525 42.17 9.84 -17.41
N ASN A 526 42.78 10.47 -18.41
CA ASN A 526 44.19 10.28 -18.71
C ASN A 526 45.05 11.39 -18.14
N TYR A 527 44.46 12.37 -17.45
CA TYR A 527 45.18 13.55 -17.01
C TYR A 527 44.74 13.91 -15.60
N VAL A 528 45.51 14.78 -14.96
CA VAL A 528 45.26 15.25 -13.59
C VAL A 528 45.51 16.74 -13.55
N ARG A 529 44.53 17.50 -13.09
CA ARG A 529 44.64 18.95 -13.02
C ARG A 529 45.36 19.33 -11.72
N VAL A 530 46.61 19.76 -11.84
CA VAL A 530 47.41 20.19 -10.70
C VAL A 530 47.51 21.71 -10.80
N GLY A 531 46.82 22.41 -9.91
CA GLY A 531 46.75 23.86 -9.98
C GLY A 531 46.10 24.34 -11.25
N THR A 532 46.88 24.99 -12.12
CA THR A 532 46.40 25.44 -13.41
C THR A 532 47.05 24.70 -14.57
N THR A 533 47.89 23.68 -14.28
CA THR A 533 48.57 22.89 -15.28
C THR A 533 48.00 21.47 -15.30
N ARG A 534 48.58 20.63 -16.16
CA ARG A 534 48.05 19.29 -16.39
C ARG A 534 49.20 18.30 -16.42
N VAL A 535 49.03 17.19 -15.71
CA VAL A 535 50.05 16.13 -15.67
C VAL A 535 49.40 14.82 -16.13
N PRO A 536 50.16 13.88 -16.69
CA PRO A 536 49.55 12.63 -17.14
C PRO A 536 49.15 11.75 -15.96
N MET A 537 48.00 11.10 -16.10
CA MET A 537 47.55 10.16 -15.08
C MET A 537 48.54 9.01 -14.96
N THR A 538 48.82 8.61 -13.73
CA THR A 538 49.73 7.51 -13.45
C THR A 538 49.09 6.56 -12.45
N GLY A 539 49.70 5.39 -12.31
CA GLY A 539 49.29 4.41 -11.33
C GLY A 539 49.25 4.94 -9.91
N PRO A 540 50.34 5.55 -9.44
CA PRO A 540 50.35 6.06 -8.07
C PRO A 540 49.26 7.09 -7.79
N VAL A 541 49.07 8.06 -8.69
CA VAL A 541 48.09 9.11 -8.45
C VAL A 541 46.68 8.54 -8.41
N LYS A 542 46.39 7.58 -9.29
CA LYS A 542 45.05 7.03 -9.37
C LYS A 542 44.68 6.29 -8.08
N GLU A 543 45.59 5.42 -7.61
CA GLU A 543 45.31 4.68 -6.38
C GLU A 543 45.16 5.61 -5.18
N LYS A 544 45.88 6.74 -5.18
CA LYS A 544 45.73 7.71 -4.11
C LYS A 544 44.34 8.34 -4.13
N ILE A 545 43.87 8.72 -5.32
CA ILE A 545 42.55 9.32 -5.43
C ILE A 545 41.47 8.34 -5.03
N LEU A 546 41.66 7.05 -5.37
CA LEU A 546 40.66 6.05 -5.06
C LEU A 546 40.65 5.70 -3.58
N SER A 547 41.81 5.70 -2.94
CA SER A 547 41.87 5.32 -1.53
C SER A 547 41.15 6.33 -0.65
N VAL A 548 41.11 7.59 -1.05
CA VAL A 548 40.42 8.61 -0.26
C VAL A 548 38.90 8.43 -0.39
N ILE A 549 38.42 8.13 -1.60
CA ILE A 549 37.00 7.87 -1.79
C ILE A 549 36.57 6.64 -1.00
N LYS A 550 37.44 5.64 -0.93
CA LYS A 550 37.16 4.44 -0.15
C LYS A 550 37.09 4.74 1.34
N GLU A 551 37.88 5.70 1.82
CA GLU A 551 37.82 6.09 3.21
C GLU A 551 36.59 6.94 3.51
N TRP A 552 36.29 7.92 2.65
CA TRP A 552 35.14 8.78 2.90
C TRP A 552 33.84 7.99 2.86
N GLY A 553 33.78 6.93 2.06
CA GLY A 553 32.54 6.18 1.94
C GLY A 553 32.34 5.16 3.05
N THR A 554 33.41 4.60 3.59
CA THR A 554 33.32 3.60 4.64
C THR A 554 33.55 4.17 6.03
N GLY A 555 33.75 5.48 6.15
CA GLY A 555 33.98 6.12 7.42
C GLY A 555 32.70 6.31 8.20
N ARG A 556 32.84 6.94 9.38
CA ARG A 556 31.72 7.17 10.27
C ARG A 556 30.64 8.06 9.67
N ASP A 557 30.92 8.77 8.59
CA ASP A 557 29.92 9.61 7.94
C ASP A 557 29.31 8.97 6.70
N THR A 558 29.91 7.89 6.20
CA THR A 558 29.38 7.14 5.05
C THR A 558 29.02 8.07 3.91
N LEU A 559 30.03 8.80 3.43
CA LEU A 559 29.79 9.90 2.51
C LEU A 559 29.51 9.42 1.09
N ARG A 560 28.63 10.15 0.41
CA ARG A 560 28.34 9.97 -0.99
C ARG A 560 29.32 10.82 -1.77
N CYS A 561 29.94 10.25 -2.80
CA CYS A 561 31.05 10.86 -3.50
C CYS A 561 30.74 10.98 -4.99
N LEU A 562 31.01 12.15 -5.57
CA LEU A 562 31.00 12.33 -7.02
C LEU A 562 32.39 12.76 -7.45
N ALA A 563 32.69 12.51 -8.73
CA ALA A 563 33.94 12.90 -9.36
C ALA A 563 33.66 14.01 -10.37
N LEU A 564 34.56 14.99 -10.44
CA LEU A 564 34.43 16.15 -11.29
C LEU A 564 35.64 16.20 -12.22
N ALA A 565 35.39 16.35 -13.51
CA ALA A 565 36.49 16.35 -14.47
C ALA A 565 36.10 17.17 -15.69
N THR A 566 37.12 17.79 -16.31
CA THR A 566 36.94 18.60 -17.49
C THR A 566 37.71 17.96 -18.63
N ARG A 567 37.15 18.01 -19.84
CA ARG A 567 37.85 17.58 -21.04
C ARG A 567 38.39 18.81 -21.74
N ASP A 568 39.71 18.85 -21.94
CA ASP A 568 40.36 20.06 -22.41
C ASP A 568 40.33 20.22 -23.92
N THR A 569 40.33 19.11 -24.66
CA THR A 569 40.30 19.13 -26.12
C THR A 569 39.07 18.35 -26.57
N PRO A 570 37.91 19.00 -26.60
CA PRO A 570 36.68 18.30 -26.99
C PRO A 570 36.55 18.22 -28.50
N PRO A 571 35.79 17.24 -29.02
CA PRO A 571 35.56 17.18 -30.46
C PRO A 571 34.80 18.40 -30.95
N LYS A 572 35.00 18.72 -32.22
CA LYS A 572 34.28 19.83 -32.84
C LYS A 572 32.79 19.51 -32.84
N ARG A 573 31.97 20.56 -32.76
CA ARG A 573 30.55 20.35 -32.47
C ARG A 573 29.87 19.51 -33.54
N GLU A 574 30.22 19.71 -34.81
CA GLU A 574 29.59 18.97 -35.89
C GLU A 574 29.94 17.48 -35.84
N GLU A 575 31.00 17.11 -35.13
CA GLU A 575 31.52 15.76 -35.17
C GLU A 575 30.73 14.77 -34.31
N MET A 576 29.80 15.26 -33.50
CA MET A 576 29.18 14.47 -32.44
C MET A 576 27.79 13.99 -32.85
N VAL A 577 27.54 12.71 -32.65
CA VAL A 577 26.23 12.11 -32.93
C VAL A 577 25.37 12.26 -31.68
N LEU A 578 24.39 13.15 -31.74
CA LEU A 578 23.51 13.43 -30.61
C LEU A 578 22.28 12.54 -30.60
N ASP A 579 22.34 11.36 -31.22
CA ASP A 579 21.21 10.45 -31.34
C ASP A 579 21.37 9.20 -30.50
N ASP A 580 22.54 8.57 -30.55
CA ASP A 580 22.77 7.31 -29.86
C ASP A 580 23.10 7.56 -28.40
N SER A 581 22.24 7.09 -27.49
CA SER A 581 22.55 7.19 -26.08
C SER A 581 23.73 6.33 -25.66
N SER A 582 24.18 5.41 -26.53
CA SER A 582 25.32 4.56 -26.20
C SER A 582 26.65 5.26 -26.45
N ARG A 583 26.69 6.16 -27.43
CA ARG A 583 27.95 6.78 -27.83
C ARG A 583 28.37 7.93 -26.91
N PHE A 584 27.48 8.42 -26.05
CA PHE A 584 27.84 9.53 -25.17
C PHE A 584 29.05 9.21 -24.29
N MET A 585 29.20 7.95 -23.87
CA MET A 585 30.37 7.57 -23.07
C MET A 585 31.66 7.83 -23.83
N GLU A 586 31.70 7.47 -25.12
CA GLU A 586 32.89 7.71 -25.93
C GLU A 586 33.26 9.19 -25.91
N TYR A 587 32.27 10.07 -25.99
CA TYR A 587 32.53 11.51 -25.96
C TYR A 587 33.13 11.96 -24.65
N GLU A 588 32.95 11.19 -23.58
CA GLU A 588 33.44 11.54 -22.24
C GLU A 588 34.73 10.80 -21.94
N THR A 589 35.68 10.81 -22.88
CA THR A 589 36.95 10.15 -22.70
C THR A 589 38.09 11.16 -22.78
N ASP A 590 39.28 10.69 -22.42
CA ASP A 590 40.49 11.53 -22.37
C ASP A 590 40.25 12.75 -21.47
N LEU A 591 39.67 12.48 -20.31
CA LEU A 591 39.27 13.53 -19.38
C LEU A 591 40.44 13.94 -18.50
N THR A 592 40.29 15.09 -17.84
CA THR A 592 41.28 15.59 -16.90
C THR A 592 40.62 15.69 -15.52
N PHE A 593 41.22 14.99 -14.54
CA PHE A 593 40.66 14.94 -13.20
C PHE A 593 40.78 16.28 -12.51
N VAL A 594 39.67 16.75 -11.91
CA VAL A 594 39.65 18.00 -11.17
C VAL A 594 39.60 17.69 -9.68
N GLY A 595 38.49 17.09 -9.24
CA GLY A 595 38.35 16.81 -7.83
C GLY A 595 37.14 15.94 -7.56
N VAL A 596 36.87 15.75 -6.27
CA VAL A 596 35.81 14.89 -5.78
C VAL A 596 35.14 15.56 -4.60
N VAL A 597 33.80 15.58 -4.61
CA VAL A 597 33.02 16.11 -3.50
C VAL A 597 32.48 14.96 -2.67
N GLY A 598 32.51 15.12 -1.36
CA GLY A 598 31.91 14.14 -0.45
C GLY A 598 30.63 14.65 0.16
N MET A 599 29.51 14.06 -0.21
CA MET A 599 28.21 14.54 0.23
C MET A 599 27.69 13.74 1.41
N LEU A 600 26.90 14.40 2.25
CA LEU A 600 26.36 13.84 3.47
C LEU A 600 24.90 13.48 3.25
N ASP A 601 24.50 12.31 3.75
CA ASP A 601 23.14 11.81 3.55
C ASP A 601 22.75 11.00 4.78
N PRO A 602 22.01 11.60 5.71
CA PRO A 602 21.68 10.90 6.96
C PRO A 602 20.63 9.84 6.72
N PRO A 603 20.79 8.65 7.31
CA PRO A 603 19.73 7.64 7.25
C PRO A 603 18.54 8.04 8.11
N ARG A 604 17.35 7.66 7.66
CA ARG A 604 16.13 7.97 8.40
C ARG A 604 16.14 7.24 9.74
N LYS A 605 15.80 7.98 10.80
CA LYS A 605 15.84 7.44 12.15
C LYS A 605 14.90 6.24 12.33
N GLU A 606 13.86 6.14 11.52
CA GLU A 606 12.90 5.05 11.66
C GLU A 606 13.40 3.74 11.07
N VAL A 607 14.48 3.77 10.28
CA VAL A 607 14.88 2.61 9.51
C VAL A 607 15.40 1.50 10.42
N MET A 608 16.32 1.84 11.33
CA MET A 608 16.95 0.79 12.12
C MET A 608 15.94 0.07 13.00
N GLY A 609 14.95 0.79 13.53
CA GLY A 609 13.89 0.13 14.28
C GLY A 609 13.00 -0.72 13.40
N SER A 610 12.78 -0.28 12.15
CA SER A 610 11.87 -1.01 11.26
C SER A 610 12.51 -2.29 10.75
N ILE A 611 13.84 -2.38 10.71
CA ILE A 611 14.48 -3.62 10.30
C ILE A 611 14.52 -4.61 11.45
N GLN A 612 14.73 -4.13 12.68
CA GLN A 612 14.62 -5.00 13.86
C GLN A 612 13.30 -5.75 13.86
N LEU A 613 12.21 -5.05 13.54
CA LEU A 613 10.90 -5.68 13.57
C LEU A 613 10.68 -6.63 12.39
N CYS A 614 11.35 -6.37 11.26
CA CYS A 614 11.21 -7.28 10.13
C CYS A 614 11.91 -8.61 10.38
N ARG A 615 13.12 -8.57 10.94
CA ARG A 615 13.84 -9.80 11.26
C ARG A 615 13.11 -10.61 12.33
N ASP A 616 12.48 -9.95 13.29
CA ASP A 616 11.69 -10.69 14.27
C ASP A 616 10.44 -11.30 13.64
N ALA A 617 9.86 -10.62 12.66
CA ALA A 617 8.69 -11.12 11.94
C ALA A 617 9.05 -12.05 10.79
N GLY A 618 10.33 -12.35 10.60
CA GLY A 618 10.75 -13.25 9.54
C GLY A 618 10.70 -12.64 8.16
N ILE A 619 11.06 -11.37 8.02
CA ILE A 619 11.06 -10.67 6.74
C ILE A 619 12.48 -10.19 6.47
N ARG A 620 13.04 -10.62 5.35
CA ARG A 620 14.41 -10.30 5.00
C ARG A 620 14.45 -9.02 4.16
N VAL A 621 15.39 -8.15 4.48
CA VAL A 621 15.52 -6.84 3.85
C VAL A 621 16.80 -6.82 3.02
N ILE A 622 16.69 -6.32 1.79
CA ILE A 622 17.83 -6.19 0.88
C ILE A 622 17.93 -4.73 0.46
N MET A 623 19.12 -4.16 0.60
CA MET A 623 19.36 -2.84 0.04
C MET A 623 19.68 -2.97 -1.44
N ILE A 624 19.01 -2.18 -2.27
CA ILE A 624 19.30 -2.14 -3.69
C ILE A 624 19.57 -0.69 -4.09
N THR A 625 20.78 -0.42 -4.58
CA THR A 625 21.21 0.93 -4.89
C THR A 625 22.19 0.91 -6.06
N GLY A 626 22.24 2.03 -6.78
CA GLY A 626 23.27 2.28 -7.75
C GLY A 626 24.54 2.88 -7.19
N ASP A 627 24.55 3.19 -5.90
CA ASP A 627 25.62 3.97 -5.32
C ASP A 627 26.82 3.05 -5.02
N ASN A 628 27.94 3.66 -4.62
CA ASN A 628 29.19 2.93 -4.45
C ASN A 628 29.03 1.71 -3.54
N LYS A 629 29.72 0.62 -3.89
CA LYS A 629 29.70 -0.56 -3.03
C LYS A 629 30.23 -0.23 -1.64
N GLY A 630 31.29 0.59 -1.57
CA GLY A 630 31.83 0.97 -0.27
C GLY A 630 30.84 1.73 0.57
N THR A 631 30.14 2.69 -0.03
CA THR A 631 29.12 3.44 0.70
C THR A 631 27.92 2.56 1.03
N ALA A 632 27.57 1.63 0.14
CA ALA A 632 26.37 0.81 0.33
C ALA A 632 26.51 -0.09 1.55
N ILE A 633 27.63 -0.82 1.65
CA ILE A 633 27.84 -1.71 2.78
C ILE A 633 27.94 -0.92 4.07
N ALA A 634 28.64 0.22 4.04
CA ALA A 634 28.79 1.02 5.25
C ALA A 634 27.44 1.49 5.77
N ILE A 635 26.54 1.91 4.88
CA ILE A 635 25.22 2.33 5.30
C ILE A 635 24.43 1.14 5.83
N CYS A 636 24.59 -0.03 5.23
CA CYS A 636 23.93 -1.23 5.75
C CYS A 636 24.33 -1.50 7.19
N ARG A 637 25.62 -1.35 7.50
CA ARG A 637 26.06 -1.56 8.88
C ARG A 637 25.44 -0.55 9.82
N ARG A 638 25.31 0.71 9.35
CA ARG A 638 24.78 1.75 10.21
C ARG A 638 23.30 1.52 10.51
N ILE A 639 22.53 1.11 9.50
CA ILE A 639 21.08 0.96 9.68
C ILE A 639 20.70 -0.39 10.28
N GLY A 640 21.63 -1.35 10.31
CA GLY A 640 21.38 -2.61 10.98
C GLY A 640 21.23 -3.81 10.09
N ILE A 641 21.39 -3.67 8.77
CA ILE A 641 21.35 -4.83 7.89
C ILE A 641 22.53 -5.74 8.17
N PHE A 642 23.67 -5.18 8.56
CA PHE A 642 24.89 -5.93 8.79
C PHE A 642 25.42 -5.62 10.19
N GLY A 643 26.25 -6.53 10.70
CA GLY A 643 26.87 -6.31 11.98
C GLY A 643 27.97 -5.27 11.92
N GLU A 644 28.30 -4.72 13.09
CA GLU A 644 29.31 -3.66 13.15
C GLU A 644 30.67 -4.18 12.71
N ASN A 645 30.93 -5.48 12.85
CA ASN A 645 32.15 -6.10 12.37
C ASN A 645 31.86 -7.51 11.85
N GLU A 646 30.70 -7.67 11.22
CA GLU A 646 30.37 -8.90 10.52
C GLU A 646 31.09 -8.97 9.18
N GLU A 647 31.56 -10.15 8.81
CA GLU A 647 32.10 -10.34 7.48
C GLU A 647 30.98 -10.38 6.45
N VAL A 648 31.24 -9.80 5.27
CA VAL A 648 30.18 -9.54 4.31
C VAL A 648 30.65 -9.90 2.90
N ALA A 649 31.61 -10.81 2.80
CA ALA A 649 32.24 -11.11 1.51
C ALA A 649 31.26 -11.74 0.53
N ASP A 650 30.42 -12.65 1.00
CA ASP A 650 29.55 -13.44 0.12
C ASP A 650 28.18 -12.81 -0.10
N ARG A 651 27.87 -11.71 0.57
CA ARG A 651 26.51 -11.22 0.64
C ARG A 651 26.41 -9.76 0.21
N ALA A 652 27.28 -9.34 -0.70
CA ALA A 652 27.26 -7.98 -1.26
C ALA A 652 27.93 -8.01 -2.62
N TYR A 653 27.17 -7.70 -3.67
CA TYR A 653 27.67 -7.75 -5.04
C TYR A 653 27.43 -6.42 -5.73
N THR A 654 28.31 -6.09 -6.68
CA THR A 654 28.09 -4.94 -7.54
C THR A 654 27.27 -5.36 -8.75
N GLY A 655 27.02 -4.40 -9.64
CA GLY A 655 26.31 -4.73 -10.87
C GLY A 655 27.08 -5.68 -11.77
N ARG A 656 28.38 -5.42 -11.94
CA ARG A 656 29.18 -6.28 -12.81
C ARG A 656 29.56 -7.58 -12.11
N GLU A 657 29.82 -7.52 -10.80
CA GLU A 657 30.03 -8.75 -10.04
C GLU A 657 28.85 -9.69 -10.18
N PHE A 658 27.64 -9.13 -10.22
CA PHE A 658 26.43 -9.93 -10.34
C PHE A 658 26.31 -10.56 -11.73
N ASP A 659 26.61 -9.79 -12.77
CA ASP A 659 26.44 -10.27 -14.14
C ASP A 659 27.52 -11.25 -14.57
N ASP A 660 28.70 -11.23 -13.94
CA ASP A 660 29.70 -12.25 -14.24
C ASP A 660 29.28 -13.62 -13.74
N LEU A 661 28.36 -13.67 -12.78
CA LEU A 661 27.90 -14.94 -12.25
C LEU A 661 27.01 -15.64 -13.27
N PRO A 662 27.08 -16.98 -13.36
CA PRO A 662 26.10 -17.71 -14.16
C PRO A 662 24.72 -17.60 -13.54
N LEU A 663 23.72 -18.05 -14.31
CA LEU A 663 22.33 -17.84 -13.91
C LEU A 663 22.01 -18.52 -12.59
N ALA A 664 22.44 -19.78 -12.44
CA ALA A 664 22.17 -20.50 -11.21
C ALA A 664 22.78 -19.81 -9.99
N GLU A 665 24.00 -19.29 -10.15
CA GLU A 665 24.64 -18.61 -9.03
C GLU A 665 24.06 -17.22 -8.81
N GLN A 666 23.49 -16.61 -9.86
CA GLN A 666 22.83 -15.32 -9.68
C GLN A 666 21.61 -15.44 -8.77
N ARG A 667 20.82 -16.51 -8.96
CA ARG A 667 19.64 -16.72 -8.11
C ARG A 667 20.04 -17.02 -6.68
N GLU A 668 21.07 -17.85 -6.49
CA GLU A 668 21.54 -18.14 -5.13
C GLU A 668 22.03 -16.86 -4.45
N ALA A 669 22.64 -15.95 -5.22
CA ALA A 669 23.06 -14.68 -4.65
C ALA A 669 21.85 -13.88 -4.16
N CYS A 670 20.76 -13.88 -4.92
CA CYS A 670 19.57 -13.17 -4.50
C CYS A 670 18.95 -13.75 -3.23
N ARG A 671 19.28 -14.98 -2.87
CA ARG A 671 18.71 -15.61 -1.70
C ARG A 671 19.63 -15.57 -0.49
N ARG A 672 20.80 -14.92 -0.60
CA ARG A 672 21.67 -14.75 0.56
C ARG A 672 22.17 -13.32 0.69
N ALA A 673 22.32 -12.61 -0.42
CA ALA A 673 22.90 -11.27 -0.40
C ALA A 673 21.85 -10.25 0.03
N CYS A 674 22.24 -9.37 0.95
CA CYS A 674 21.38 -8.32 1.46
C CYS A 674 21.76 -6.94 0.93
N CYS A 675 22.75 -6.86 0.03
CA CYS A 675 23.24 -5.58 -0.46
C CYS A 675 23.65 -5.71 -1.91
N PHE A 676 23.05 -4.89 -2.77
CA PHE A 676 23.41 -4.81 -4.19
C PHE A 676 23.73 -3.36 -4.54
N ALA A 677 24.95 -3.12 -5.01
CA ALA A 677 25.42 -1.78 -5.32
C ALA A 677 25.84 -1.67 -6.78
N ARG A 678 25.96 -0.43 -7.24
CA ARG A 678 26.25 -0.14 -8.66
C ARG A 678 25.33 -0.88 -9.61
N VAL A 679 24.06 -0.95 -9.27
CA VAL A 679 23.14 -1.66 -10.16
C VAL A 679 22.51 -0.66 -11.10
N GLU A 680 21.73 -1.14 -12.06
CA GLU A 680 21.05 -0.33 -13.04
C GLU A 680 19.57 -0.63 -12.92
N PRO A 681 18.71 0.14 -13.60
CA PRO A 681 17.27 -0.15 -13.52
C PRO A 681 16.91 -1.59 -13.84
N SER A 682 17.62 -2.21 -14.79
CA SER A 682 17.32 -3.60 -15.14
C SER A 682 17.72 -4.56 -14.02
N HIS A 683 18.84 -4.27 -13.34
CA HIS A 683 19.28 -5.14 -12.25
C HIS A 683 18.26 -5.17 -11.11
N LYS A 684 17.66 -4.02 -10.80
CA LYS A 684 16.66 -3.96 -9.74
C LYS A 684 15.47 -4.85 -10.07
N SER A 685 15.05 -4.88 -11.34
CA SER A 685 13.91 -5.70 -11.72
C SER A 685 14.28 -7.18 -11.69
N LYS A 686 15.48 -7.53 -12.14
CA LYS A 686 15.87 -8.94 -12.20
C LYS A 686 16.11 -9.53 -10.82
N ILE A 687 16.55 -8.70 -9.86
CA ILE A 687 16.69 -9.18 -8.49
C ILE A 687 15.32 -9.58 -7.92
N VAL A 688 14.33 -8.70 -8.09
CA VAL A 688 12.98 -9.03 -7.63
C VAL A 688 12.43 -10.23 -8.40
N GLU A 689 12.74 -10.31 -9.69
CA GLU A 689 12.24 -11.42 -10.50
C GLU A 689 12.84 -12.74 -10.05
N TYR A 690 14.11 -12.74 -9.63
CA TYR A 690 14.72 -13.95 -9.09
C TYR A 690 14.09 -14.34 -7.76
N LEU A 691 13.77 -13.36 -6.92
CA LEU A 691 13.14 -13.66 -5.64
C LEU A 691 11.78 -14.29 -5.83
N GLN A 692 11.04 -13.84 -6.85
CA GLN A 692 9.73 -14.44 -7.15
C GLN A 692 9.86 -15.85 -7.70
N SER A 693 11.01 -16.20 -8.29
CA SER A 693 11.23 -17.56 -8.76
C SER A 693 11.26 -18.56 -7.61
N TYR A 694 11.73 -18.13 -6.43
CA TYR A 694 11.68 -18.95 -5.23
C TYR A 694 10.32 -18.88 -4.53
N ASP A 695 9.29 -18.41 -5.23
CA ASP A 695 7.94 -18.29 -4.67
C ASP A 695 7.92 -17.42 -3.42
N GLU A 696 8.83 -16.46 -3.36
CA GLU A 696 8.80 -15.44 -2.32
C GLU A 696 7.72 -14.42 -2.65
N ILE A 697 7.20 -13.76 -1.61
CA ILE A 697 6.30 -12.64 -1.77
C ILE A 697 7.13 -11.38 -1.58
N THR A 698 7.51 -10.73 -2.67
CA THR A 698 8.52 -9.68 -2.67
C THR A 698 7.87 -8.30 -2.70
N ALA A 699 8.40 -7.39 -1.88
CA ALA A 699 7.92 -6.01 -1.80
C ALA A 699 9.07 -5.06 -2.08
N MET A 700 8.86 -4.14 -3.02
CA MET A 700 9.87 -3.16 -3.42
C MET A 700 9.52 -1.78 -2.88
N THR A 701 10.54 -1.01 -2.51
CA THR A 701 10.37 0.34 -1.99
C THR A 701 11.32 1.27 -2.74
N GLY A 702 10.78 2.29 -3.38
CA GLY A 702 11.59 3.25 -4.11
C GLY A 702 10.80 4.50 -4.40
N ASP A 703 11.53 5.56 -4.70
CA ASP A 703 10.90 6.86 -4.92
C ASP A 703 11.22 7.48 -6.27
N GLY A 704 12.44 7.30 -6.76
CA GLY A 704 12.84 7.91 -8.00
C GLY A 704 12.52 7.04 -9.22
N VAL A 705 12.61 7.66 -10.39
CA VAL A 705 12.44 6.98 -11.68
C VAL A 705 13.41 5.81 -11.79
N ASN A 706 14.48 5.84 -10.98
CA ASN A 706 15.48 4.78 -10.95
C ASN A 706 14.85 3.40 -10.92
N ASP A 707 13.94 3.17 -9.98
CA ASP A 707 13.45 1.82 -9.73
C ASP A 707 11.94 1.70 -9.92
N ALA A 708 11.46 2.19 -11.05
CA ALA A 708 10.07 2.04 -11.44
C ALA A 708 9.79 0.63 -11.98
N PRO A 709 10.68 0.03 -12.79
CA PRO A 709 10.43 -1.37 -13.19
C PRO A 709 10.37 -2.34 -12.03
N ALA A 710 11.23 -2.17 -11.02
CA ALA A 710 11.22 -3.06 -9.88
C ALA A 710 9.94 -2.90 -9.05
N LEU A 711 9.38 -1.70 -8.99
CA LEU A 711 8.16 -1.48 -8.23
C LEU A 711 6.96 -2.18 -8.88
N LYS A 712 6.93 -2.27 -10.21
CA LYS A 712 5.80 -2.90 -10.87
C LYS A 712 5.79 -4.41 -10.65
N LYS A 713 6.88 -5.09 -11.02
CA LYS A 713 6.90 -6.54 -10.96
C LYS A 713 6.78 -7.07 -9.54
N ALA A 714 7.25 -6.31 -8.55
CA ALA A 714 7.13 -6.74 -7.17
C ALA A 714 5.67 -6.91 -6.79
N GLU A 715 5.41 -7.88 -5.90
CA GLU A 715 4.05 -8.16 -5.48
C GLU A 715 3.40 -6.91 -4.92
N ILE A 716 4.12 -6.19 -4.07
CA ILE A 716 3.70 -4.92 -3.51
C ILE A 716 4.77 -3.88 -3.80
N GLY A 717 4.35 -2.71 -4.27
CA GLY A 717 5.29 -1.62 -4.50
C GLY A 717 4.93 -0.39 -3.68
N ILE A 718 5.85 0.04 -2.82
CA ILE A 718 5.63 1.18 -1.93
C ILE A 718 6.54 2.31 -2.37
N ALA A 719 5.95 3.50 -2.55
CA ALA A 719 6.68 4.69 -2.99
C ALA A 719 6.76 5.70 -1.85
N MET A 720 7.72 6.60 -1.96
CA MET A 720 7.87 7.69 -1.00
C MET A 720 7.06 8.90 -1.45
N GLY A 721 6.55 9.65 -0.46
CA GLY A 721 5.81 10.86 -0.78
C GLY A 721 6.67 11.93 -1.44
N SER A 722 7.96 11.97 -1.09
CA SER A 722 8.89 12.91 -1.71
C SER A 722 9.30 12.48 -3.10
N GLY A 723 9.00 11.25 -3.51
CA GLY A 723 9.54 10.70 -4.73
C GLY A 723 8.88 11.24 -5.99
N THR A 724 9.39 10.76 -7.12
CA THR A 724 8.92 11.19 -8.42
C THR A 724 7.54 10.59 -8.72
N ALA A 725 6.79 11.29 -9.58
CA ALA A 725 5.48 10.80 -9.98
C ALA A 725 5.56 9.54 -10.82
N VAL A 726 6.72 9.27 -11.44
CA VAL A 726 6.88 8.03 -12.19
C VAL A 726 6.77 6.83 -11.27
N ALA A 727 7.37 6.91 -10.09
CA ALA A 727 7.32 5.79 -9.15
C ALA A 727 5.96 5.68 -8.50
N LYS A 728 5.34 6.82 -8.15
CA LYS A 728 4.01 6.78 -7.55
C LYS A 728 3.00 6.16 -8.51
N THR A 729 3.22 6.29 -9.82
CA THR A 729 2.35 5.64 -10.80
C THR A 729 2.48 4.12 -10.73
N ALA A 730 3.68 3.62 -10.41
CA ALA A 730 3.98 2.21 -10.44
C ALA A 730 3.86 1.55 -9.07
N SER A 731 3.20 2.20 -8.12
CA SER A 731 3.15 1.73 -6.74
C SER A 731 1.72 1.43 -6.33
N GLU A 732 1.55 0.36 -5.56
CA GLU A 732 0.25 0.00 -5.00
C GLU A 732 0.00 0.65 -3.64
N MET A 733 0.93 1.49 -3.17
CA MET A 733 0.80 2.16 -1.89
C MET A 733 1.85 3.24 -1.80
N VAL A 734 1.46 4.43 -1.32
CA VAL A 734 2.34 5.58 -1.24
C VAL A 734 2.41 6.04 0.21
N LEU A 735 3.62 6.34 0.68
CA LEU A 735 3.87 6.87 2.00
C LEU A 735 4.02 8.39 1.87
N ALA A 736 2.90 9.10 2.00
CA ALA A 736 2.97 10.57 1.97
C ALA A 736 3.74 11.12 3.16
N ASP A 737 3.90 10.32 4.22
CA ASP A 737 4.59 10.71 5.43
C ASP A 737 6.09 10.54 5.33
N ASP A 738 6.59 9.87 4.29
CA ASP A 738 7.98 9.42 4.19
C ASP A 738 8.39 8.55 5.39
N ASN A 739 7.41 8.09 6.16
CA ASN A 739 7.67 7.31 7.36
C ASN A 739 7.88 5.85 6.96
N PHE A 740 9.12 5.37 7.08
CA PHE A 740 9.42 4.01 6.68
C PHE A 740 8.77 3.00 7.61
N SER A 741 8.56 3.35 8.88
CA SER A 741 8.00 2.42 9.85
C SER A 741 6.53 2.12 9.59
N THR A 742 5.87 2.91 8.75
CA THR A 742 4.48 2.62 8.40
C THR A 742 4.38 1.28 7.67
N ILE A 743 5.43 0.87 6.98
CA ILE A 743 5.42 -0.41 6.27
C ILE A 743 5.27 -1.56 7.26
N VAL A 744 5.91 -1.46 8.42
CA VAL A 744 5.85 -2.55 9.39
C VAL A 744 4.44 -2.69 9.95
N ALA A 745 3.84 -1.57 10.36
CA ALA A 745 2.47 -1.62 10.87
C ALA A 745 1.50 -2.11 9.80
N ALA A 746 1.81 -1.87 8.52
CA ALA A 746 0.99 -2.42 7.46
C ALA A 746 1.13 -3.93 7.38
N VAL A 747 2.34 -4.46 7.62
CA VAL A 747 2.52 -5.91 7.71
C VAL A 747 1.70 -6.46 8.87
N GLU A 748 1.69 -5.75 10.00
CA GLU A 748 0.86 -6.15 11.12
C GLU A 748 -0.62 -6.17 10.72
N GLU A 749 -1.07 -5.09 10.08
CA GLU A 749 -2.47 -5.03 9.62
C GLU A 749 -2.74 -6.12 8.60
N GLY A 750 -1.76 -6.43 7.74
CA GLY A 750 -1.93 -7.49 6.77
C GLY A 750 -2.01 -8.87 7.39
N ARG A 751 -1.30 -9.07 8.50
CA ARG A 751 -1.41 -10.34 9.21
C ARG A 751 -2.69 -10.41 10.02
N ALA A 752 -3.11 -9.27 10.59
CA ALA A 752 -4.26 -9.26 11.49
C ALA A 752 -5.57 -9.53 10.74
N ILE A 753 -5.69 -9.06 9.51
CA ILE A 753 -6.90 -9.31 8.72
C ILE A 753 -7.08 -10.80 8.48
N TYR A 754 -6.00 -11.50 8.15
CA TYR A 754 -6.10 -12.94 7.93
C TYR A 754 -6.43 -13.67 9.22
N ASN A 755 -5.72 -13.34 10.31
CA ASN A 755 -6.01 -13.95 11.60
C ASN A 755 -7.39 -13.61 12.12
N ASN A 756 -8.02 -12.56 11.62
CA ASN A 756 -9.39 -12.26 12.02
C ASN A 756 -10.42 -12.96 11.15
N MET A 757 -10.04 -13.39 9.94
CA MET A 757 -10.94 -14.24 9.17
C MET A 757 -10.89 -15.69 9.64
N LYS A 758 -9.72 -16.14 10.10
CA LYS A 758 -9.58 -17.49 10.64
C LYS A 758 -10.43 -17.70 11.89
N GLN A 759 -10.82 -16.62 12.56
CA GLN A 759 -11.67 -16.73 13.75
C GLN A 759 -13.13 -16.48 13.43
N PHE A 760 -13.42 -15.62 12.44
CA PHE A 760 -14.78 -15.49 11.93
C PHE A 760 -15.28 -16.83 11.38
N ILE A 761 -14.39 -17.61 10.78
CA ILE A 761 -14.79 -18.91 10.25
C ILE A 761 -14.85 -19.95 11.36
N ARG A 762 -13.88 -19.94 12.29
CA ARG A 762 -13.91 -20.91 13.38
C ARG A 762 -15.14 -20.75 14.24
N TYR A 763 -15.60 -19.52 14.44
CA TYR A 763 -16.81 -19.30 15.22
C TYR A 763 -18.03 -19.89 14.52
N LEU A 764 -18.37 -19.36 13.34
CA LEU A 764 -19.64 -19.73 12.70
C LEU A 764 -19.68 -21.21 12.34
N ILE A 765 -18.60 -21.75 11.79
CA ILE A 765 -18.59 -23.17 11.41
C ILE A 765 -18.83 -24.04 12.64
N SER A 766 -17.96 -23.94 13.64
CA SER A 766 -18.09 -24.77 14.83
C SER A 766 -19.42 -24.52 15.55
N SER A 767 -19.93 -23.29 15.50
CA SER A 767 -21.22 -23.02 16.13
C SER A 767 -22.36 -23.62 15.31
N ASN A 768 -22.29 -23.50 13.98
CA ASN A 768 -23.36 -24.03 13.15
C ASN A 768 -23.25 -25.53 12.92
N VAL A 769 -22.14 -26.15 13.30
CA VAL A 769 -22.09 -27.62 13.34
C VAL A 769 -23.08 -28.13 14.37
N GLY A 770 -23.03 -27.58 15.59
CA GLY A 770 -23.98 -27.96 16.61
C GLY A 770 -25.42 -27.68 16.23
N GLU A 771 -25.64 -26.68 15.38
CA GLU A 771 -26.98 -26.42 14.88
C GLU A 771 -27.45 -27.48 13.90
N VAL A 772 -26.54 -28.25 13.31
CA VAL A 772 -26.91 -29.32 12.40
C VAL A 772 -26.83 -30.64 13.14
N VAL A 773 -25.87 -30.76 14.06
CA VAL A 773 -25.82 -31.91 14.96
C VAL A 773 -27.11 -32.00 15.77
N CYS A 774 -27.67 -30.85 16.16
CA CYS A 774 -28.93 -30.83 16.88
C CYS A 774 -30.05 -31.44 16.06
N ILE A 775 -30.18 -31.03 14.80
CA ILE A 775 -31.31 -31.45 13.98
C ILE A 775 -31.25 -32.94 13.69
N PHE A 776 -30.08 -33.46 13.35
CA PHE A 776 -29.96 -34.88 13.04
C PHE A 776 -30.05 -35.74 14.29
N LEU A 777 -29.51 -35.28 15.42
CA LEU A 777 -29.41 -36.16 16.59
C LEU A 777 -30.77 -36.44 17.20
N THR A 778 -31.74 -35.52 17.04
CA THR A 778 -33.08 -35.78 17.56
C THR A 778 -33.84 -36.76 16.69
N ALA A 779 -33.76 -36.60 15.37
CA ALA A 779 -34.48 -37.49 14.46
C ALA A 779 -33.85 -38.89 14.44
N ALA A 780 -32.56 -38.98 14.71
CA ALA A 780 -31.89 -40.28 14.67
C ALA A 780 -32.13 -41.07 15.96
N LEU A 781 -32.19 -40.39 17.11
CA LEU A 781 -32.42 -41.05 18.39
C LEU A 781 -33.90 -41.17 18.73
N GLY A 782 -34.80 -40.83 17.80
CA GLY A 782 -36.21 -40.93 18.04
C GLY A 782 -36.80 -39.89 18.97
N LEU A 783 -36.01 -38.92 19.42
CA LEU A 783 -36.52 -37.88 20.29
C LEU A 783 -37.41 -36.91 19.51
N PRO A 784 -38.38 -36.30 20.17
CA PRO A 784 -39.33 -35.43 19.46
C PRO A 784 -38.65 -34.18 18.92
N GLU A 785 -39.41 -33.45 18.11
CA GLU A 785 -38.90 -32.25 17.45
C GLU A 785 -38.61 -31.16 18.49
N ALA A 786 -37.39 -30.63 18.46
CA ALA A 786 -36.91 -29.69 19.46
C ALA A 786 -36.77 -28.26 18.94
N LEU A 787 -36.96 -28.02 17.64
CA LEU A 787 -36.83 -26.68 17.09
C LEU A 787 -37.95 -26.43 16.09
N ILE A 788 -38.04 -25.17 15.67
CA ILE A 788 -39.14 -24.68 14.83
C ILE A 788 -38.58 -23.80 13.75
N PRO A 789 -39.20 -23.81 12.54
CA PRO A 789 -38.76 -22.90 11.46
C PRO A 789 -38.41 -21.50 11.94
N VAL A 790 -39.27 -20.88 12.74
CA VAL A 790 -38.97 -19.54 13.23
C VAL A 790 -38.00 -19.59 14.41
N GLN A 791 -37.79 -20.75 15.02
CA GLN A 791 -36.79 -20.85 16.09
C GLN A 791 -35.38 -20.94 15.53
N LEU A 792 -35.19 -21.64 14.41
CA LEU A 792 -33.91 -21.60 13.73
C LEU A 792 -33.59 -20.21 13.21
N LEU A 793 -34.61 -19.50 12.75
CA LEU A 793 -34.39 -18.14 12.24
C LEU A 793 -33.96 -17.21 13.36
N TRP A 794 -34.48 -17.40 14.57
CA TRP A 794 -34.08 -16.55 15.69
C TRP A 794 -32.65 -16.86 16.13
N VAL A 795 -32.30 -18.14 16.21
CA VAL A 795 -30.92 -18.50 16.52
C VAL A 795 -29.98 -17.97 15.43
N ASN A 796 -30.45 -17.93 14.19
CA ASN A 796 -29.63 -17.37 13.10
C ASN A 796 -29.34 -15.89 13.33
N LEU A 797 -30.34 -15.14 13.77
CA LEU A 797 -30.20 -13.69 13.89
C LEU A 797 -29.24 -13.31 15.01
N VAL A 798 -29.46 -13.85 16.21
CA VAL A 798 -28.72 -13.40 17.38
C VAL A 798 -27.40 -14.13 17.59
N THR A 799 -27.10 -15.16 16.80
CA THR A 799 -25.83 -15.87 16.93
C THR A 799 -24.94 -15.75 15.72
N ASP A 800 -25.51 -15.71 14.51
CA ASP A 800 -24.74 -15.56 13.28
C ASP A 800 -24.72 -14.12 12.79
N GLY A 801 -25.10 -13.16 13.64
CA GLY A 801 -25.23 -11.78 13.22
C GLY A 801 -24.12 -10.87 13.69
N LEU A 802 -24.49 -9.86 14.48
CA LEU A 802 -23.51 -8.88 14.93
C LEU A 802 -22.41 -9.45 15.80
N PRO A 803 -22.67 -10.41 16.71
CA PRO A 803 -21.53 -11.04 17.41
C PRO A 803 -20.52 -11.68 16.47
N ALA A 804 -20.99 -12.26 15.36
CA ALA A 804 -20.06 -12.80 14.38
C ALA A 804 -19.36 -11.69 13.61
N THR A 805 -20.11 -10.66 13.22
CA THR A 805 -19.51 -9.55 12.48
C THR A 805 -18.50 -8.80 13.34
N ALA A 806 -18.78 -8.65 14.63
CA ALA A 806 -17.89 -7.93 15.53
C ALA A 806 -16.56 -8.64 15.76
N LEU A 807 -16.37 -9.85 15.22
CA LEU A 807 -15.08 -10.51 15.31
C LEU A 807 -14.04 -9.87 14.40
N GLY A 808 -14.47 -9.09 13.40
CA GLY A 808 -13.52 -8.40 12.56
C GLY A 808 -12.73 -7.32 13.28
N PHE A 809 -13.26 -6.80 14.38
CA PHE A 809 -12.58 -5.79 15.17
C PHE A 809 -11.71 -6.38 16.27
N ASN A 810 -11.37 -7.67 16.17
CA ASN A 810 -10.47 -8.27 17.14
C ASN A 810 -9.09 -7.64 17.04
N PRO A 811 -8.43 -7.39 18.17
CA PRO A 811 -7.07 -6.84 18.12
C PRO A 811 -6.10 -7.86 17.55
N PRO A 812 -4.90 -7.44 17.16
CA PRO A 812 -3.91 -8.39 16.66
C PRO A 812 -3.55 -9.43 17.73
N ASP A 813 -3.44 -10.68 17.30
CA ASP A 813 -2.99 -11.75 18.18
C ASP A 813 -1.62 -11.41 18.74
N LEU A 814 -1.30 -11.97 19.91
CA LEU A 814 -0.09 -11.62 20.63
C LEU A 814 1.16 -11.82 19.79
N ASP A 815 1.51 -13.07 19.51
CA ASP A 815 2.72 -13.38 18.74
C ASP A 815 2.50 -13.30 17.23
N ILE A 816 1.79 -12.28 16.76
CA ILE A 816 1.53 -12.18 15.32
C ILE A 816 2.75 -11.60 14.60
N MET A 817 3.54 -10.76 15.26
CA MET A 817 4.76 -10.23 14.68
C MET A 817 5.99 -10.99 15.15
N ASP A 818 5.81 -12.15 15.77
CA ASP A 818 6.90 -13.01 16.16
C ASP A 818 6.93 -14.33 15.40
N ARG A 819 5.83 -14.68 14.71
CA ARG A 819 5.80 -15.89 13.89
C ARG A 819 6.20 -15.58 12.46
N PRO A 820 6.84 -16.53 11.77
CA PRO A 820 7.30 -16.29 10.40
C PRO A 820 6.12 -16.04 9.47
N PRO A 821 6.38 -15.48 8.28
CA PRO A 821 5.28 -15.09 7.41
C PRO A 821 4.47 -16.29 6.90
N ARG A 822 3.22 -16.03 6.58
CA ARG A 822 2.34 -17.05 6.04
C ARG A 822 2.69 -17.32 4.58
N SER A 823 2.77 -18.59 4.22
CA SER A 823 2.88 -18.92 2.81
C SER A 823 1.52 -18.82 2.15
N PRO A 824 1.39 -18.12 1.02
CA PRO A 824 0.11 -18.14 0.29
C PRO A 824 -0.25 -19.50 -0.28
N LYS A 825 0.60 -20.51 -0.05
CA LYS A 825 0.26 -21.89 -0.41
C LYS A 825 -0.57 -22.57 0.67
N GLU A 826 -0.48 -22.12 1.92
CA GLU A 826 -1.19 -22.76 3.01
C GLU A 826 -2.69 -22.85 2.71
N PRO A 827 -3.33 -23.96 3.07
CA PRO A 827 -4.78 -24.05 2.88
C PRO A 827 -5.51 -23.13 3.83
N LEU A 828 -6.73 -22.76 3.43
CA LEU A 828 -7.54 -21.89 4.27
C LEU A 828 -7.82 -22.54 5.62
N ILE A 829 -8.13 -23.83 5.63
CA ILE A 829 -8.38 -24.59 6.84
C ILE A 829 -7.46 -25.81 6.83
N SER A 830 -6.70 -25.97 7.91
CA SER A 830 -5.76 -27.08 8.01
C SER A 830 -6.48 -28.35 8.46
N GLY A 831 -5.77 -29.48 8.39
CA GLY A 831 -6.33 -30.72 8.85
C GLY A 831 -6.63 -30.73 10.34
N TRP A 832 -5.92 -29.90 11.11
CA TRP A 832 -6.17 -29.84 12.55
C TRP A 832 -7.34 -28.92 12.87
N LEU A 833 -7.46 -27.80 12.16
CA LEU A 833 -8.53 -26.85 12.46
C LEU A 833 -9.90 -27.46 12.18
N PHE A 834 -10.02 -28.26 11.13
CA PHE A 834 -11.29 -28.94 10.87
C PHE A 834 -11.67 -29.86 12.00
N PHE A 835 -10.68 -30.37 12.75
CA PHE A 835 -10.98 -31.18 13.93
C PHE A 835 -11.61 -30.35 15.03
N ARG A 836 -11.01 -29.20 15.35
CA ARG A 836 -11.56 -28.37 16.42
C ARG A 836 -12.92 -27.77 16.03
N TYR A 837 -13.20 -27.67 14.73
CA TYR A 837 -14.55 -27.29 14.31
C TYR A 837 -15.57 -28.31 14.77
N MET A 838 -15.19 -29.59 14.81
CA MET A 838 -16.11 -30.67 15.16
C MET A 838 -16.15 -30.91 16.67
N ALA A 839 -15.00 -30.84 17.34
CA ALA A 839 -14.97 -31.03 18.78
C ALA A 839 -15.82 -30.00 19.51
N ILE A 840 -15.93 -28.79 18.97
CA ILE A 840 -16.82 -27.79 19.55
C ILE A 840 -18.26 -28.04 19.12
N GLY A 841 -18.49 -28.17 17.81
CA GLY A 841 -19.84 -28.39 17.31
C GLY A 841 -20.48 -29.65 17.84
N GLY A 842 -19.67 -30.65 18.18
CA GLY A 842 -20.21 -31.84 18.81
C GLY A 842 -20.82 -31.54 20.16
N TYR A 843 -20.06 -30.87 21.02
CA TYR A 843 -20.59 -30.48 22.33
C TYR A 843 -21.67 -29.42 22.22
N VAL A 844 -21.70 -28.65 21.12
CA VAL A 844 -22.78 -27.70 20.93
C VAL A 844 -24.07 -28.42 20.57
N GLY A 845 -23.99 -29.40 19.66
CA GLY A 845 -25.16 -30.16 19.25
C GLY A 845 -25.63 -31.19 20.25
N ALA A 846 -24.75 -31.63 21.13
CA ALA A 846 -25.14 -32.57 22.18
C ALA A 846 -25.66 -31.87 23.42
N ALA A 847 -25.17 -30.66 23.72
CA ALA A 847 -25.65 -29.91 24.87
C ALA A 847 -27.01 -29.29 24.64
N THR A 848 -27.41 -29.10 23.38
CA THR A 848 -28.73 -28.53 23.10
C THR A 848 -29.83 -29.59 23.10
N VAL A 849 -29.52 -30.81 22.67
CA VAL A 849 -30.51 -31.88 22.74
C VAL A 849 -30.61 -32.43 24.16
N GLY A 850 -29.50 -32.45 24.89
CA GLY A 850 -29.54 -32.86 26.28
C GLY A 850 -30.15 -31.84 27.22
N ALA A 851 -30.46 -30.64 26.73
CA ALA A 851 -31.13 -29.64 27.54
C ALA A 851 -32.64 -29.88 27.57
N ALA A 852 -33.24 -30.13 26.40
CA ALA A 852 -34.65 -30.48 26.36
C ALA A 852 -34.90 -31.86 26.96
N ALA A 853 -33.93 -32.76 26.86
CA ALA A 853 -34.07 -34.09 27.46
C ALA A 853 -34.04 -34.02 28.98
N TRP A 854 -33.08 -33.25 29.53
CA TRP A 854 -33.01 -33.05 30.96
C TRP A 854 -34.35 -32.58 31.52
N TRP A 855 -35.03 -31.68 30.81
CA TRP A 855 -36.32 -31.18 31.28
C TRP A 855 -37.35 -32.30 31.33
N PHE A 856 -37.33 -33.21 30.35
CA PHE A 856 -38.23 -34.36 30.40
C PHE A 856 -37.96 -35.21 31.64
N MET A 857 -36.69 -35.50 31.91
CA MET A 857 -36.32 -36.45 32.96
C MET A 857 -36.22 -35.80 34.33
N TYR A 858 -35.22 -34.94 34.52
CA TYR A 858 -34.80 -34.51 35.85
C TYR A 858 -35.40 -33.17 36.27
N ALA A 859 -36.38 -32.64 35.55
CA ALA A 859 -36.90 -31.32 35.88
C ALA A 859 -37.39 -31.25 37.32
N GLU A 860 -38.22 -32.22 37.71
CA GLU A 860 -38.99 -32.20 38.96
C GLU A 860 -39.45 -30.78 39.27
N ASP A 861 -39.95 -30.11 38.22
CA ASP A 861 -40.51 -28.77 38.26
C ASP A 861 -41.55 -28.70 37.16
N GLY A 862 -42.77 -28.33 37.52
CA GLY A 862 -43.87 -28.41 36.59
C GLY A 862 -44.11 -29.85 36.19
N PRO A 863 -43.89 -30.17 34.92
CA PRO A 863 -43.93 -31.58 34.50
C PRO A 863 -42.77 -32.38 35.09
N GLY A 864 -43.02 -33.67 35.29
CA GLY A 864 -42.08 -34.54 35.97
C GLY A 864 -41.35 -35.55 35.11
N VAL A 865 -40.94 -36.66 35.75
CA VAL A 865 -39.83 -37.49 35.29
C VAL A 865 -40.28 -38.45 34.20
N THR A 866 -39.35 -38.77 33.32
CA THR A 866 -39.54 -39.81 32.33
C THR A 866 -38.15 -40.46 32.20
N TYR A 867 -37.82 -41.29 33.20
CA TYR A 867 -36.42 -41.57 33.53
C TYR A 867 -35.71 -42.31 32.42
N HIS A 868 -36.35 -43.35 31.86
CA HIS A 868 -35.79 -44.10 30.72
C HIS A 868 -36.91 -44.25 29.69
N GLN A 869 -37.12 -43.24 28.84
CA GLN A 869 -38.29 -43.31 27.92
C GLN A 869 -37.89 -43.43 26.46
N LEU A 870 -38.56 -44.35 25.75
CA LEU A 870 -38.32 -44.52 24.30
C LEU A 870 -38.85 -43.27 23.60
N THR A 871 -39.70 -42.49 24.30
CA THR A 871 -40.39 -41.27 23.88
C THR A 871 -41.11 -41.51 22.57
N HIS A 872 -41.79 -42.65 22.47
CA HIS A 872 -42.57 -42.88 21.23
C HIS A 872 -43.56 -41.71 21.14
N PHE A 873 -43.71 -41.13 19.94
CA PHE A 873 -44.61 -39.96 19.76
C PHE A 873 -46.06 -40.36 20.08
N MET A 874 -46.44 -41.56 19.66
CA MET A 874 -47.81 -42.10 19.85
C MET A 874 -48.16 -42.26 21.33
N GLN A 875 -47.22 -42.63 22.21
CA GLN A 875 -47.67 -42.89 23.61
C GLN A 875 -48.87 -42.01 23.96
N CYS A 876 -48.77 -40.69 23.79
CA CYS A 876 -49.93 -39.83 24.14
C CYS A 876 -50.92 -39.89 22.99
N THR A 877 -50.46 -40.26 21.78
CA THR A 877 -51.40 -40.35 20.63
C THR A 877 -52.45 -41.42 20.97
N GLU A 878 -51.98 -42.59 21.41
CA GLU A 878 -52.84 -43.74 21.78
C GLU A 878 -52.04 -44.58 22.77
N ASP A 879 -52.65 -45.06 23.86
CA ASP A 879 -51.84 -45.87 24.81
C ASP A 879 -51.43 -47.10 23.98
N HIS A 880 -50.13 -47.38 23.94
CA HIS A 880 -49.60 -48.52 23.14
C HIS A 880 -48.49 -49.17 23.96
N PRO A 881 -48.05 -48.54 25.07
CA PRO A 881 -47.03 -49.10 25.94
C PRO A 881 -47.69 -49.81 27.12
N HIS A 882 -49.02 -49.97 27.06
CA HIS A 882 -49.83 -50.60 28.14
C HIS A 882 -49.57 -49.85 29.46
N PHE A 883 -49.53 -48.52 29.42
CA PHE A 883 -49.18 -47.74 30.63
C PHE A 883 -50.50 -47.48 31.35
N GLU A 884 -50.51 -47.71 32.67
CA GLU A 884 -51.65 -47.32 33.55
C GLU A 884 -51.65 -45.78 33.74
N GLY A 885 -50.44 -45.21 33.70
CA GLY A 885 -50.19 -43.76 33.74
C GLY A 885 -49.58 -43.36 32.41
N LEU A 886 -50.33 -42.61 31.58
CA LEU A 886 -49.89 -42.27 30.19
C LEU A 886 -49.35 -40.84 30.00
N ASP A 887 -49.60 -39.90 30.93
CA ASP A 887 -49.05 -38.52 30.77
C ASP A 887 -49.41 -37.92 29.39
N CYS A 888 -50.72 -37.73 29.12
CA CYS A 888 -51.23 -37.22 27.82
C CYS A 888 -50.66 -35.84 27.46
N GLU A 889 -50.41 -35.62 26.16
CA GLU A 889 -49.79 -34.43 25.56
C GLU A 889 -48.68 -33.80 26.40
N ILE A 890 -47.97 -34.60 27.22
CA ILE A 890 -46.80 -34.02 27.87
C ILE A 890 -45.69 -33.80 26.87
N PHE A 891 -45.67 -34.56 25.78
CA PHE A 891 -44.74 -34.27 24.71
C PHE A 891 -45.22 -33.01 23.98
N GLU A 892 -44.29 -32.35 23.28
CA GLU A 892 -44.54 -31.13 22.50
C GLU A 892 -44.76 -29.91 23.40
N ALA A 893 -44.58 -30.06 24.72
CA ALA A 893 -44.72 -28.94 25.65
C ALA A 893 -43.80 -27.79 25.23
N PRO A 894 -44.12 -26.56 25.66
CA PRO A 894 -43.34 -25.40 25.21
C PRO A 894 -42.03 -25.18 25.95
N GLU A 895 -41.88 -25.70 27.17
CA GLU A 895 -40.68 -25.44 27.97
C GLU A 895 -39.39 -26.06 27.43
N PRO A 896 -39.40 -27.30 26.87
CA PRO A 896 -38.12 -27.89 26.43
C PRO A 896 -37.57 -27.21 25.19
N MET A 897 -38.45 -26.80 24.27
CA MET A 897 -38.03 -26.02 23.12
C MET A 897 -37.36 -24.72 23.57
N THR A 898 -37.98 -24.02 24.52
CA THR A 898 -37.34 -22.85 25.12
C THR A 898 -36.05 -23.25 25.84
N MET A 899 -36.04 -24.43 26.47
CA MET A 899 -34.87 -24.86 27.21
C MET A 899 -33.70 -25.15 26.27
N ALA A 900 -33.96 -25.80 25.14
CA ALA A 900 -32.89 -26.15 24.21
C ALA A 900 -32.38 -24.93 23.45
N LEU A 901 -33.30 -24.05 23.04
CA LEU A 901 -32.90 -22.89 22.25
C LEU A 901 -32.03 -21.93 23.05
N SER A 902 -32.28 -21.80 24.36
CA SER A 902 -31.46 -20.92 25.18
C SER A 902 -30.04 -21.43 25.29
N VAL A 903 -29.87 -22.76 25.42
CA VAL A 903 -28.53 -23.33 25.39
C VAL A 903 -27.87 -23.05 24.05
N LEU A 904 -28.59 -23.32 22.95
CA LEU A 904 -28.03 -23.14 21.62
C LEU A 904 -27.65 -21.69 21.33
N VAL A 905 -28.27 -20.74 22.01
CA VAL A 905 -27.88 -19.34 21.90
C VAL A 905 -26.74 -19.00 22.85
N THR A 906 -26.85 -19.42 24.10
CA THR A 906 -25.84 -19.07 25.09
C THR A 906 -24.52 -19.77 24.82
N ILE A 907 -24.57 -21.02 24.32
CA ILE A 907 -23.32 -21.74 24.07
C ILE A 907 -22.54 -21.09 22.94
N GLU A 908 -23.23 -20.45 22.00
CA GLU A 908 -22.53 -19.78 20.91
C GLU A 908 -22.01 -18.41 21.33
N MET A 909 -22.72 -17.72 22.22
CA MET A 909 -22.15 -16.51 22.82
C MET A 909 -20.93 -16.86 23.66
N CYS A 910 -20.95 -18.03 24.33
CA CYS A 910 -19.77 -18.50 25.03
C CYS A 910 -18.67 -18.90 24.05
N ASN A 911 -19.05 -19.50 22.92
CA ASN A 911 -18.07 -19.86 21.90
C ASN A 911 -17.43 -18.62 21.29
N ALA A 912 -18.18 -17.53 21.18
CA ALA A 912 -17.62 -16.29 20.63
C ALA A 912 -16.53 -15.72 21.53
N LEU A 913 -16.59 -16.02 22.83
CA LEU A 913 -15.54 -15.54 23.73
C LEU A 913 -14.21 -16.25 23.50
N ASN A 914 -14.23 -17.41 22.86
CA ASN A 914 -13.00 -18.09 22.47
C ASN A 914 -12.51 -17.68 21.09
N SER A 915 -13.31 -16.94 20.32
CA SER A 915 -12.93 -16.51 18.99
C SER A 915 -12.15 -15.20 18.99
N LEU A 916 -11.54 -14.84 20.12
CA LEU A 916 -10.68 -13.66 20.17
C LEU A 916 -9.29 -13.95 19.61
N SER A 917 -8.79 -15.17 19.82
CA SER A 917 -7.51 -15.61 19.28
C SER A 917 -7.67 -16.99 18.69
N GLU A 918 -6.61 -17.49 18.07
CA GLU A 918 -6.65 -18.84 17.50
C GLU A 918 -6.15 -19.88 18.49
N ASN A 919 -5.13 -19.53 19.28
CA ASN A 919 -4.57 -20.46 20.26
C ASN A 919 -4.33 -19.83 21.62
N GLN A 920 -4.42 -18.52 21.76
CA GLN A 920 -4.19 -17.87 23.04
C GLN A 920 -5.41 -18.04 23.94
N SER A 921 -5.18 -18.48 25.17
CA SER A 921 -6.24 -18.67 26.14
C SER A 921 -6.80 -17.32 26.58
N LEU A 922 -7.90 -17.38 27.33
CA LEU A 922 -8.43 -16.16 27.94
C LEU A 922 -7.59 -15.69 29.11
N MET A 923 -6.62 -16.48 29.55
CA MET A 923 -5.69 -16.04 30.58
C MET A 923 -4.79 -14.92 30.06
N ARG A 924 -4.46 -14.96 28.78
CA ARG A 924 -3.54 -14.02 28.14
C ARG A 924 -4.26 -12.98 27.31
N MET A 925 -5.44 -13.31 26.78
CA MET A 925 -6.30 -12.37 26.06
C MET A 925 -7.70 -12.46 26.65
N PRO A 926 -8.04 -11.59 27.58
CA PRO A 926 -9.36 -11.65 28.24
C PRO A 926 -10.48 -11.21 27.32
N PRO A 927 -11.74 -11.42 27.70
CA PRO A 927 -12.85 -11.08 26.79
C PRO A 927 -12.98 -9.61 26.46
N TRP A 928 -12.38 -8.72 27.25
CA TRP A 928 -12.53 -7.29 27.02
C TRP A 928 -11.49 -6.72 26.06
N VAL A 929 -10.77 -7.57 25.32
CA VAL A 929 -9.89 -7.06 24.27
C VAL A 929 -10.70 -6.58 23.06
N ASN A 930 -11.91 -7.09 22.89
CA ASN A 930 -12.84 -6.62 21.86
C ASN A 930 -14.11 -6.17 22.58
N ILE A 931 -14.24 -4.85 22.77
CA ILE A 931 -15.42 -4.33 23.44
C ILE A 931 -16.65 -4.53 22.56
N TRP A 932 -16.50 -4.36 21.24
CA TRP A 932 -17.64 -4.45 20.34
C TRP A 932 -18.17 -5.86 20.19
N LEU A 933 -17.39 -6.88 20.60
CA LEU A 933 -17.94 -8.23 20.69
C LEU A 933 -18.84 -8.36 21.91
N LEU A 934 -18.36 -7.90 23.06
CA LEU A 934 -19.15 -7.96 24.29
C LEU A 934 -20.42 -7.13 24.16
N GLY A 935 -20.37 -6.05 23.37
CA GLY A 935 -21.58 -5.29 23.10
C GLY A 935 -22.59 -6.09 22.30
N SER A 936 -22.13 -6.76 21.25
CA SER A 936 -23.02 -7.58 20.45
C SER A 936 -23.50 -8.82 21.21
N ILE A 937 -22.71 -9.30 22.17
CA ILE A 937 -23.15 -10.42 22.99
C ILE A 937 -24.32 -10.00 23.86
N CYS A 938 -24.19 -8.89 24.58
CA CYS A 938 -25.31 -8.37 25.35
C CYS A 938 -26.50 -8.05 24.46
N LEU A 939 -26.25 -7.65 23.21
CA LEU A 939 -27.33 -7.39 22.28
C LEU A 939 -28.13 -8.65 21.99
N SER A 940 -27.44 -9.74 21.71
CA SER A 940 -28.15 -11.00 21.47
C SER A 940 -28.87 -11.48 22.72
N MET A 941 -28.20 -11.43 23.86
CA MET A 941 -28.77 -12.01 25.08
C MET A 941 -30.01 -11.26 25.54
N SER A 942 -29.95 -9.92 25.56
CA SER A 942 -31.09 -9.14 26.04
C SER A 942 -32.24 -9.20 25.04
N LEU A 943 -31.94 -8.95 23.76
CA LEU A 943 -32.96 -9.07 22.73
C LEU A 943 -33.57 -10.47 22.69
N HIS A 944 -32.85 -11.47 23.22
CA HIS A 944 -33.42 -12.79 23.43
C HIS A 944 -34.31 -12.84 24.67
N PHE A 945 -34.07 -11.97 25.65
CA PHE A 945 -34.93 -11.94 26.83
C PHE A 945 -36.28 -11.30 26.52
N LEU A 946 -36.32 -10.35 25.58
CA LEU A 946 -37.60 -9.75 25.22
C LEU A 946 -38.58 -10.78 24.69
N ILE A 947 -38.11 -11.70 23.85
CA ILE A 947 -38.99 -12.71 23.27
C ILE A 947 -39.30 -13.79 24.30
N LEU A 948 -38.98 -13.52 25.57
CA LEU A 948 -39.37 -14.41 26.65
C LEU A 948 -40.12 -13.74 27.80
N TYR A 949 -40.09 -12.41 27.92
CA TYR A 949 -40.70 -11.82 29.10
C TYR A 949 -41.59 -10.60 28.87
N VAL A 950 -41.55 -9.95 27.71
CA VAL A 950 -42.62 -9.02 27.36
C VAL A 950 -43.76 -9.82 26.76
N ASP A 951 -44.96 -9.66 27.32
CA ASP A 951 -45.93 -10.75 27.30
C ASP A 951 -46.40 -11.18 25.91
N PRO A 952 -46.69 -10.30 24.95
CA PRO A 952 -47.22 -10.78 23.67
C PRO A 952 -46.24 -11.59 22.82
N LEU A 953 -44.94 -11.54 23.10
CA LEU A 953 -44.00 -12.21 22.21
C LEU A 953 -43.90 -13.72 22.44
N PRO A 954 -43.84 -14.21 23.70
CA PRO A 954 -43.72 -15.66 23.90
C PRO A 954 -44.95 -16.47 23.46
N MET A 955 -45.83 -15.87 22.68
CA MET A 955 -46.84 -16.63 21.94
C MET A 955 -46.51 -16.73 20.46
N ILE A 956 -45.81 -15.73 19.91
CA ILE A 956 -45.24 -15.88 18.58
C ILE A 956 -44.14 -16.92 18.59
N PHE A 957 -43.25 -16.83 19.58
CA PHE A 957 -42.37 -17.93 19.92
C PHE A 957 -43.09 -18.78 20.97
N LYS A 958 -42.40 -19.73 21.58
CA LYS A 958 -43.03 -20.54 22.62
C LYS A 958 -42.61 -20.05 24.01
N LEU A 959 -43.32 -20.53 25.02
CA LEU A 959 -43.46 -19.84 26.31
C LEU A 959 -42.18 -19.68 27.12
N LYS A 960 -42.32 -19.05 28.29
CA LYS A 960 -41.21 -18.53 29.07
C LYS A 960 -40.28 -19.64 29.57
N ALA A 961 -39.03 -19.26 29.81
CA ALA A 961 -38.12 -20.07 30.60
C ALA A 961 -38.25 -19.67 32.05
N LEU A 962 -38.23 -20.66 32.94
CA LEU A 962 -38.57 -20.42 34.34
C LEU A 962 -37.43 -19.66 35.03
N ASP A 963 -37.54 -19.53 36.34
CA ASP A 963 -36.87 -18.45 37.05
C ASP A 963 -35.40 -18.78 37.36
N LEU A 964 -35.17 -19.65 38.33
CA LEU A 964 -33.83 -19.81 38.90
C LEU A 964 -33.09 -21.04 38.39
N THR A 965 -33.68 -22.23 38.48
CA THR A 965 -32.95 -23.46 38.18
C THR A 965 -32.88 -23.77 36.70
N GLN A 966 -33.56 -22.99 35.84
CA GLN A 966 -33.54 -23.23 34.41
C GLN A 966 -32.39 -22.50 33.72
N TRP A 967 -32.20 -21.21 34.03
CA TRP A 967 -31.06 -20.50 33.48
C TRP A 967 -29.75 -21.02 34.06
N LEU A 968 -29.76 -21.47 35.32
CA LEU A 968 -28.58 -22.08 35.89
C LEU A 968 -28.20 -23.37 35.17
N MET A 969 -29.20 -24.13 34.70
CA MET A 969 -28.90 -25.35 33.98
C MET A 969 -28.40 -25.05 32.57
N VAL A 970 -29.00 -24.07 31.90
CA VAL A 970 -28.51 -23.62 30.60
C VAL A 970 -27.07 -23.13 30.73
N LEU A 971 -26.79 -22.35 31.77
CA LEU A 971 -25.46 -21.78 31.93
C LEU A 971 -24.43 -22.84 32.30
N LYS A 972 -24.77 -23.71 33.26
CA LYS A 972 -23.86 -24.77 33.68
C LYS A 972 -23.61 -25.79 32.57
N ILE A 973 -24.50 -25.86 31.59
CA ILE A 973 -24.27 -26.72 30.44
C ILE A 973 -23.38 -26.03 29.40
N SER A 974 -23.60 -24.72 29.19
CA SER A 974 -22.90 -24.04 28.11
C SER A 974 -21.46 -23.71 28.47
N LEU A 975 -21.23 -23.15 29.67
CA LEU A 975 -19.89 -22.73 30.06
C LEU A 975 -18.77 -23.76 29.83
N PRO A 976 -18.98 -25.07 30.01
CA PRO A 976 -17.91 -26.01 29.68
C PRO A 976 -17.46 -25.97 28.22
N VAL A 977 -18.17 -25.29 27.31
CA VAL A 977 -17.65 -25.18 25.96
C VAL A 977 -16.44 -24.26 25.93
N ILE A 978 -16.39 -23.29 26.85
CA ILE A 978 -15.21 -22.43 26.97
C ILE A 978 -14.03 -23.24 27.48
N GLY A 979 -14.24 -24.02 28.55
CA GLY A 979 -13.19 -24.88 29.05
C GLY A 979 -12.74 -25.93 28.05
N LEU A 980 -13.64 -26.35 27.15
CA LEU A 980 -13.27 -27.29 26.10
C LEU A 980 -12.28 -26.66 25.13
N ASP A 981 -12.68 -25.56 24.50
CA ASP A 981 -11.78 -24.87 23.58
C ASP A 981 -10.56 -24.33 24.30
N GLU A 982 -10.69 -24.05 25.60
CA GLU A 982 -9.56 -23.60 26.40
C GLU A 982 -8.49 -24.68 26.47
N ILE A 983 -8.92 -25.94 26.62
CA ILE A 983 -7.99 -27.07 26.56
C ILE A 983 -7.48 -27.26 25.14
N LEU A 984 -8.37 -27.16 24.16
CA LEU A 984 -7.94 -27.30 22.76
C LEU A 984 -6.94 -26.22 22.36
N LYS A 985 -7.12 -25.00 22.88
CA LYS A 985 -6.12 -23.97 22.65
C LYS A 985 -4.83 -24.27 23.41
N PHE A 986 -4.93 -24.92 24.57
CA PHE A 986 -3.72 -25.32 25.30
C PHE A 986 -3.02 -26.50 24.65
N ILE A 987 -3.78 -27.42 24.04
CA ILE A 987 -3.16 -28.56 23.38
C ILE A 987 -2.29 -28.10 22.21
N ALA A 988 -2.89 -27.33 21.29
CA ALA A 988 -2.13 -26.81 20.17
C ALA A 988 -1.08 -25.80 20.59
N ARG A 989 -1.24 -25.17 21.76
CA ARG A 989 -0.26 -24.20 22.24
C ARG A 989 1.08 -24.87 22.53
N ASN A 990 1.07 -26.17 22.82
CA ASN A 990 2.30 -26.89 23.19
C ASN A 990 2.40 -28.21 22.43
N TYR A 991 1.76 -28.31 21.28
CA TYR A 991 1.84 -29.50 20.43
C TYR A 991 1.95 -29.08 18.97
N LEU A 992 2.80 -28.11 18.70
CA LEU A 992 3.10 -27.69 17.33
C LEU A 992 4.18 -28.55 16.68
N GLU A 993 4.78 -29.48 17.44
CA GLU A 993 5.87 -30.29 16.91
C GLU A 993 5.36 -31.24 15.83
N GLY A 994 6.13 -31.36 14.76
CA GLY A 994 5.76 -32.21 13.64
C GLY A 994 6.45 -31.86 12.34
PG ACP B . 19.46 5.50 -5.47
O1G ACP B . 20.44 5.06 -4.35
O2G ACP B . 18.10 5.87 -4.89
O3G ACP B . 19.29 4.40 -6.47
PB ACP B . 21.61 6.57 -7.32
O1B ACP B . 21.75 5.08 -7.12
O2B ACP B . 22.82 7.29 -6.86
C3B ACP B . 20.11 7.01 -6.33
PA ACP B . 22.12 6.10 -10.06
O1A ACP B . 21.28 5.25 -10.93
O2A ACP B . 23.06 5.18 -9.40
O3A ACP B . 21.30 6.94 -8.92
O5' ACP B . 23.17 7.08 -10.92
C5' ACP B . 24.37 6.44 -11.34
C4' ACP B . 25.62 7.09 -10.68
O4' ACP B . 25.87 8.24 -11.26
C3' ACP B . 25.39 7.35 -9.16
O3' ACP B . 26.20 6.60 -8.35
C2' ACP B . 25.81 8.80 -8.94
O2' ACP B . 27.05 8.86 -8.09
C1' ACP B . 26.00 9.35 -10.14
N9 ACP B . 24.94 10.34 -10.32
C8 ACP B . 23.78 10.34 -9.70
N7 ACP B . 23.03 11.39 -10.11
C5 ACP B . 23.76 12.03 -11.00
C6 ACP B . 23.54 13.19 -11.76
N6 ACP B . 22.38 14.16 -11.89
N1 ACP B . 24.45 13.63 -12.60
C2 ACP B . 25.62 12.98 -12.71
N3 ACP B . 25.86 11.85 -11.97
C4 ACP B . 24.94 11.39 -11.13
CA CA C . 16.10 7.05 -4.77
CA CA D . -26.29 -18.10 9.68
CA CA E . -25.41 -19.67 14.97
K K F . 2.13 -6.59 -9.88
C1 PCW G . -16.74 0.79 15.48
C2 PCW G . -17.77 -0.02 14.68
C3 PCW G . -18.07 -1.30 15.44
C4 PCW G . -12.56 2.12 15.64
C5 PCW G . -11.93 2.34 17.03
C6 PCW G . -9.92 1.38 16.20
C7 PCW G . -10.22 1.68 18.49
C8 PCW G . -11.44 0.05 17.37
C11 PCW G . -19.16 -3.39 15.17
C12 PCW G . -20.28 -4.28 14.62
C13 PCW G . -21.29 -4.63 15.74
C14 PCW G . -22.01 -3.35 16.21
C15 PCW G . -21.82 -3.20 17.73
C16 PCW G . -23.07 -2.51 18.34
C17 PCW G . -22.87 -2.37 19.87
C18 PCW G . -23.87 -1.34 20.43
C19 PCW G . -25.15 -2.06 20.86
C20 PCW G . -26.00 -1.48 21.69
C21 PCW G . -27.28 -2.24 22.11
C22 PCW G . -26.91 -3.65 22.62
C23 PCW G . -28.06 -4.23 23.47
C24 PCW G . -27.48 -4.95 24.72
C25 PCW G . -28.50 -4.97 25.87
C26 PCW G . -27.79 -5.27 27.20
C27 PCW G . -28.81 -5.34 28.32
C28 PCW G . -29.55 -4.00 28.43
C31 PCW G . -19.60 0.60 13.27
C32 PCW G . -20.71 1.61 12.88
C33 PCW G . -21.80 1.64 14.00
C34 PCW G . -23.20 1.42 13.38
C35 PCW G . -24.01 0.48 14.30
C36 PCW G . -24.51 -0.75 13.48
C37 PCW G . -25.15 -1.79 14.44
C38 PCW G . -26.59 -1.32 14.84
C39 PCW G . -27.63 -2.17 14.08
C40 PCW G . -28.91 -1.74 13.98
C41 PCW G . -29.94 -2.60 13.21
C42 PCW G . -30.47 -3.73 14.14
C43 PCW G . -32.02 -3.72 14.15
C44 PCW G . -32.54 -4.06 15.57
C45 PCW G . -33.77 -4.98 15.46
C46 PCW G . -34.76 -4.70 16.61
C47 PCW G . -36.00 -3.98 16.07
C48 PCW G . -35.75 -2.46 16.04
N PCW G . -10.87 1.37 17.27
O2 PCW G . -18.96 0.70 14.54
O3 PCW G . -19.04 -2.05 14.74
O11 PCW G . -18.38 -3.83 15.95
O31 PCW G . -19.29 -0.26 12.50
O1P PCW G . -14.79 3.41 13.33
O2P PCW G . -14.33 1.00 13.64
O3P PCW G . -16.42 2.01 14.79
O4P PCW G . -13.90 2.57 15.64
P PCW G . -14.84 2.25 14.31
#